data_7RXD
#
_entry.id   7RXD
#
_cell.length_a   1.00
_cell.length_b   1.00
_cell.length_c   1.00
_cell.angle_alpha   90.00
_cell.angle_beta   90.00
_cell.angle_gamma   90.00
#
_symmetry.space_group_name_H-M   'P 1'
#
loop_
_entity.id
_entity.type
_entity.pdbx_description
1 polymer 'Maltodextrin-binding protein,Immunoglobulin G-binding protein A,Immunoglobulin G-binding protein G'
2 polymer 'Fab_8D3_2 heavy chain'
3 polymer 'Fab_8D3_2 light chain'
4 polymer Nb_RBD
5 polymer 'Spike protein S1'
6 branched alpha-D-glucopyranose-(1-4)-alpha-D-glucopyranose
#
loop_
_entity_poly.entity_id
_entity_poly.type
_entity_poly.pdbx_seq_one_letter_code
_entity_poly.pdbx_strand_id
1 'polypeptide(L)'
;MKIEEGKLVIWINGDKGYNGLAEVGKKFEKDTGIKVTVEHPDKLEEKFPQVAATGDGPDIIFWAHDRFGGYAQSGLLAEI
TPDKAFQDKLYPFTWDAVRYNGKLIAYPIAVEALSLIYNKDLLPNPPKTWEEIPALDKELKAKGKSALMFNLQEPYFTWP
LIAADGGYAFKYENGKYDIKDVGVDNAGAKAGLTFLVDLIKNKHMNADTDYSIAEAAFNKGETAMTINGPWAWSNIDTSK
VNYGVTVLPTFKGQPSKPFVGVLSAGINAASPNKELAKEFLENYLLTDEGLEAVNKDKPLGAVALKSYEEELAKDPRIAA
TMENAQKGEIMPNIPQMSAFWYAVRTAVINAASGRQTVDQALAFAQILIMPNLTEEQRNGFIQSLKDDPSVSKEILAEAK
KLNEHQAPKGGSGGAGSGDQQSAFYEILNMPNLNEAQRNGFIQSLKDDPSQSTNVLGEAKKLNESQAGGGSGGGSGGSAV
TTYKLVINGKTLKGETTTKAVDAETAEKAFKQYANDNGVDGVWTYDDATKTFTVTEGSGHHHHHH
;
B
2 'polypeptide(L)'
;DVQLVESGGGLVQPGKSLRLSCAASGFTFSNFGMHWVRQAPEMGLEWVAYISSGSTTKYYGDTVKGRFTISRDNPKNTLY
LQMNSLRSEDTAMYYCARRPLYDGDYGYPMDYWGQGTSVTVSSASTKGPSVFPLAPSSKSTSGGTAALGCLVKDYFPEPV
TVSWNSGALTSGVHTFPAVLQSSGLYSLSSVVTVPSSSLGTQTYICNVNHKPSNTKVDKKVEPKSCGSHHHHHH
;
H
3 'polypeptide(L)'
;NIMLTQSPSSLAVSAGERVTMSCKSTQSILYNSNQKTYLAWYQQKPGQSPKLLIYWASTRASGVPDRFTGSGSGTDFTLT
INSVQPEDLAVYYCHQYLSAWTFGGGTKLEIKRTVAAPSVFIFPPSDEQLKSGTASVVCLLNNFYPREAKVQWKVDNALQ
SGNSQESVTEQDSKDSTYSLSSTLTLSKADYEKHKVYACEVTHQGLSSPVTKSFNRGEC
;
L
4 'polypeptide(L)'
;QVQLVESGGGLVQAGGSLRLSCAASGFPVYRDRMAWYRQAPGKEREWVAAIYSAGQQTRYADSVKGRFTISRDNAKNTVY
LQMNSLKPEDTAVYYCNVKDVGHHYEYYDYWGQGTQVTVSSLEHHHHHH
;
N
5 'polypeptide(L)'
;GDYKDDDDKGGENLYFQGGSGDSTGSSNLCPFGEVFNATRFASVYAWNRKRISNCVADYSVLYNSASFSTFKCYGVSPTK
LNDLCFTNVYADSFVIRGDEVRQIAPGQTGKIADYNYKLPDDFTGCVIAWNSNNLDSKVGGNYNYLYRLFRKSNLKPFER
DISTEIYQAGSTPCNGVEGFNCYFPLQSYGFQPTNGVGYQPYRVVVLSFELLHAPATVCGGGGSGSGHHHHHHHH
;
R
#
loop_
_chem_comp.id
_chem_comp.type
_chem_comp.name
_chem_comp.formula
GLC D-saccharide, alpha linking alpha-D-glucopyranose 'C6 H12 O6'
#
# COMPACT_ATOMS: atom_id res chain seq x y z
N LEU A 8 48.74 -3.66 -28.27
CA LEU A 8 47.33 -3.96 -28.05
C LEU A 8 47.16 -5.03 -26.98
N VAL A 9 46.13 -4.87 -26.15
CA VAL A 9 45.82 -5.81 -25.08
C VAL A 9 44.44 -6.40 -25.34
N ILE A 10 44.35 -7.73 -25.31
CA ILE A 10 43.13 -8.44 -25.63
C ILE A 10 42.76 -9.33 -24.45
N TRP A 11 41.51 -9.26 -24.01
CA TRP A 11 40.97 -10.14 -22.99
C TRP A 11 39.94 -11.06 -23.62
N ILE A 12 40.11 -12.37 -23.42
CA ILE A 12 39.16 -13.38 -23.87
C ILE A 12 39.00 -14.40 -22.74
N ASN A 13 37.99 -15.25 -22.89
CA ASN A 13 37.75 -16.27 -21.89
C ASN A 13 38.85 -17.34 -21.95
N GLY A 14 38.98 -18.08 -20.85
CA GLY A 14 40.02 -19.08 -20.75
C GLY A 14 39.80 -20.31 -21.61
N ASP A 15 38.56 -20.54 -22.04
CA ASP A 15 38.23 -21.71 -22.85
C ASP A 15 38.29 -21.45 -24.35
N LYS A 16 38.60 -20.23 -24.77
CA LYS A 16 38.69 -19.90 -26.18
C LYS A 16 40.11 -20.13 -26.69
N GLY A 17 40.31 -19.85 -27.98
CA GLY A 17 41.61 -20.05 -28.59
C GLY A 17 42.58 -18.90 -28.38
N TYR A 18 43.11 -18.77 -27.16
CA TYR A 18 44.03 -17.68 -26.87
C TYR A 18 45.33 -17.82 -27.66
N ASN A 19 45.83 -19.05 -27.82
CA ASN A 19 47.07 -19.23 -28.56
C ASN A 19 46.90 -18.86 -30.03
N GLY A 20 45.81 -19.31 -30.65
CA GLY A 20 45.57 -18.96 -32.04
C GLY A 20 45.43 -17.47 -32.25
N LEU A 21 44.68 -16.80 -31.38
CA LEU A 21 44.61 -15.35 -31.43
C LEU A 21 45.97 -14.72 -31.23
N ALA A 22 46.83 -15.35 -30.42
CA ALA A 22 48.18 -14.84 -30.24
C ALA A 22 48.97 -14.88 -31.54
N GLU A 23 48.90 -16.00 -32.28
CA GLU A 23 49.60 -16.01 -33.57
C GLU A 23 48.98 -15.04 -34.56
N VAL A 24 47.65 -14.89 -34.52
CA VAL A 24 46.99 -13.93 -35.42
C VAL A 24 47.49 -12.52 -35.15
N GLY A 25 47.58 -12.15 -33.87
CA GLY A 25 48.11 -10.84 -33.53
C GLY A 25 49.58 -10.70 -33.86
N LYS A 26 50.36 -11.78 -33.70
CA LYS A 26 51.77 -11.75 -34.05
C LYS A 26 51.97 -11.48 -35.53
N LYS A 27 51.13 -12.07 -36.37
CA LYS A 27 51.18 -11.76 -37.80
C LYS A 27 50.88 -10.30 -38.08
N PHE A 28 50.07 -9.66 -37.23
CA PHE A 28 49.75 -8.25 -37.39
C PHE A 28 50.89 -7.38 -36.83
N LYS A 35 53.10 -4.52 -31.34
CA LYS A 35 52.76 -5.90 -31.03
C LYS A 35 51.33 -6.04 -30.54
N VAL A 36 50.85 -7.28 -30.45
CA VAL A 36 49.53 -7.59 -29.93
C VAL A 36 49.68 -8.56 -28.77
N THR A 37 49.08 -8.22 -27.64
CA THR A 37 49.17 -9.04 -26.44
C THR A 37 47.78 -9.55 -26.07
N VAL A 38 47.70 -10.83 -25.72
CA VAL A 38 46.44 -11.47 -25.36
C VAL A 38 46.57 -12.06 -23.97
N GLU A 39 45.53 -11.88 -23.16
CA GLU A 39 45.47 -12.45 -21.82
C GLU A 39 44.09 -13.05 -21.60
N HIS A 40 44.03 -14.00 -20.66
CA HIS A 40 42.79 -14.70 -20.33
C HIS A 40 42.57 -14.65 -18.82
N PRO A 41 42.24 -13.47 -18.29
CA PRO A 41 41.99 -13.37 -16.84
C PRO A 41 40.71 -14.09 -16.46
N ASP A 42 40.70 -14.59 -15.22
CA ASP A 42 39.49 -15.22 -14.69
C ASP A 42 38.42 -14.17 -14.40
N LYS A 43 37.17 -14.57 -14.61
CA LYS A 43 36.01 -13.72 -14.33
C LYS A 43 36.13 -12.37 -15.04
N LEU A 44 36.53 -12.41 -16.31
CA LEU A 44 36.73 -11.17 -17.05
C LEU A 44 35.41 -10.46 -17.34
N GLU A 45 34.29 -11.20 -17.43
CA GLU A 45 33.01 -10.56 -17.66
C GLU A 45 32.60 -9.65 -16.51
N GLU A 46 33.12 -9.91 -15.31
CA GLU A 46 32.89 -9.05 -14.15
C GLU A 46 34.07 -8.15 -13.85
N LYS A 47 35.27 -8.55 -14.25
CA LYS A 47 36.45 -7.70 -14.06
C LYS A 47 36.43 -6.50 -15.00
N PHE A 48 35.92 -6.67 -16.21
CA PHE A 48 35.94 -5.57 -17.19
C PHE A 48 35.16 -4.35 -16.73
N PRO A 49 33.92 -4.47 -16.21
CA PRO A 49 33.22 -3.25 -15.79
C PRO A 49 33.93 -2.47 -14.69
N GLN A 50 34.61 -3.16 -13.77
CA GLN A 50 35.24 -2.47 -12.65
C GLN A 50 36.63 -1.95 -13.00
N VAL A 51 37.38 -2.71 -13.80
CA VAL A 51 38.72 -2.26 -14.16
C VAL A 51 38.66 -1.00 -15.01
N ALA A 52 37.76 -0.98 -15.99
CA ALA A 52 37.60 0.19 -16.84
C ALA A 52 36.48 1.09 -16.33
N PRO A 58 42.16 -3.36 -20.99
CA PRO A 58 42.30 -4.05 -22.28
C PRO A 58 41.78 -3.22 -23.45
N ASP A 59 42.48 -3.28 -24.59
CA ASP A 59 42.07 -2.51 -25.75
C ASP A 59 40.76 -3.06 -26.33
N ILE A 60 40.69 -4.36 -26.54
CA ILE A 60 39.50 -5.01 -27.08
C ILE A 60 39.23 -6.28 -26.28
N ILE A 61 37.95 -6.56 -26.05
CA ILE A 61 37.52 -7.71 -25.28
C ILE A 61 36.58 -8.55 -26.12
N PHE A 62 36.81 -9.87 -26.15
CA PHE A 62 35.95 -10.80 -26.87
C PHE A 62 35.00 -11.45 -25.87
N TRP A 63 33.70 -11.35 -26.13
CA TRP A 63 32.71 -11.93 -25.23
C TRP A 63 31.38 -12.04 -25.96
N ALA A 64 30.43 -12.71 -25.33
CA ALA A 64 29.09 -12.79 -25.88
C ALA A 64 28.44 -11.41 -25.88
N HIS A 65 27.47 -11.24 -26.77
CA HIS A 65 26.86 -9.93 -26.97
C HIS A 65 25.99 -9.49 -25.81
N ASP A 66 25.69 -10.37 -24.84
CA ASP A 66 24.78 -10.03 -23.78
C ASP A 66 25.37 -8.97 -22.84
N ARG A 67 26.63 -9.15 -22.44
CA ARG A 67 27.28 -8.17 -21.58
C ARG A 67 27.58 -6.88 -22.32
N PHE A 68 27.62 -6.93 -23.65
CA PHE A 68 28.02 -5.76 -24.42
C PHE A 68 26.99 -4.65 -24.36
N GLY A 69 25.70 -4.99 -24.24
CA GLY A 69 24.70 -3.97 -24.05
C GLY A 69 24.86 -3.23 -22.74
N GLY A 70 25.15 -3.96 -21.66
CA GLY A 70 25.44 -3.30 -20.40
C GLY A 70 26.67 -2.44 -20.47
N TYR A 71 27.71 -2.93 -21.14
CA TYR A 71 28.92 -2.13 -21.32
C TYR A 71 28.62 -0.85 -22.09
N ALA A 72 27.81 -0.95 -23.15
CA ALA A 72 27.47 0.22 -23.95
C ALA A 72 26.65 1.22 -23.13
N GLN A 73 25.70 0.73 -22.32
CA GLN A 73 24.95 1.63 -21.46
C GLN A 73 25.84 2.33 -20.46
N SER A 74 26.79 1.59 -19.87
CA SER A 74 27.76 2.21 -18.97
C SER A 74 28.76 3.09 -19.70
N GLY A 75 28.80 3.03 -21.03
CA GLY A 75 29.70 3.86 -21.81
C GLY A 75 31.11 3.33 -21.93
N LEU A 76 31.36 2.08 -21.53
CA LEU A 76 32.71 1.54 -21.58
C LEU A 76 33.16 1.19 -22.99
N LEU A 77 32.21 0.95 -23.91
CA LEU A 77 32.54 0.55 -25.27
C LEU A 77 32.32 1.71 -26.22
N ALA A 78 33.32 1.95 -27.08
CA ALA A 78 33.21 3.01 -28.07
C ALA A 78 32.48 2.51 -29.30
N GLU A 79 31.53 3.32 -29.79
CA GLU A 79 30.82 2.98 -31.01
C GLU A 79 31.79 2.91 -32.19
N ILE A 80 31.65 1.89 -33.01
CA ILE A 80 32.56 1.63 -34.12
C ILE A 80 31.92 2.10 -35.42
N THR A 81 32.71 2.79 -36.23
CA THR A 81 32.23 3.25 -37.54
C THR A 81 32.40 2.13 -38.55
N PRO A 82 31.33 1.56 -39.09
CA PRO A 82 31.44 0.43 -40.01
C PRO A 82 31.48 0.87 -41.47
N ASP A 83 31.68 -0.11 -42.33
CA ASP A 83 31.63 0.06 -43.78
C ASP A 83 30.56 -0.84 -44.36
N LYS A 84 29.77 -0.32 -45.30
CA LYS A 84 28.64 -1.08 -45.83
C LYS A 84 29.09 -2.37 -46.49
N ALA A 85 30.21 -2.33 -47.20
CA ALA A 85 30.76 -3.57 -47.74
C ALA A 85 31.16 -4.53 -46.61
N PHE A 86 31.74 -3.98 -45.54
CA PHE A 86 32.06 -4.81 -44.37
C PHE A 86 30.79 -5.39 -43.75
N GLN A 87 29.71 -4.60 -43.72
CA GLN A 87 28.44 -5.13 -43.23
C GLN A 87 27.94 -6.27 -44.10
N ASP A 88 28.06 -6.12 -45.42
CA ASP A 88 27.62 -7.16 -46.33
C ASP A 88 28.54 -8.38 -46.30
N LYS A 89 29.75 -8.24 -45.77
CA LYS A 89 30.66 -9.38 -45.68
C LYS A 89 30.31 -10.34 -44.56
N LEU A 90 29.47 -9.94 -43.61
CA LEU A 90 29.10 -10.78 -42.49
C LEU A 90 27.60 -11.01 -42.47
N TYR A 91 27.18 -12.01 -41.69
CA TYR A 91 25.77 -12.35 -41.60
C TYR A 91 24.97 -11.19 -40.98
N PRO A 92 23.76 -10.94 -41.46
CA PRO A 92 23.01 -9.77 -40.95
C PRO A 92 22.47 -9.95 -39.55
N PHE A 93 22.04 -11.16 -39.17
CA PHE A 93 21.46 -11.34 -37.85
C PHE A 93 22.52 -11.16 -36.76
N THR A 94 23.79 -11.46 -37.06
CA THR A 94 24.85 -11.15 -36.10
C THR A 94 24.97 -9.65 -35.89
N TRP A 95 24.91 -8.87 -36.98
CA TRP A 95 24.95 -7.42 -36.84
C TRP A 95 23.76 -6.92 -36.03
N ASP A 96 22.58 -7.50 -36.25
CA ASP A 96 21.41 -7.12 -35.46
C ASP A 96 21.61 -7.47 -33.99
N ALA A 97 22.21 -8.62 -33.72
CA ALA A 97 22.44 -9.03 -32.33
C ALA A 97 23.42 -8.10 -31.63
N VAL A 98 24.43 -7.62 -32.34
CA VAL A 98 25.44 -6.78 -31.71
C VAL A 98 25.04 -5.31 -31.84
N ARG A 99 23.78 -5.07 -32.18
CA ARG A 99 23.24 -3.72 -32.33
C ARG A 99 22.50 -3.32 -31.05
N TYR A 100 22.76 -2.11 -30.58
CA TYR A 100 22.12 -1.58 -29.38
C TYR A 100 21.62 -0.18 -29.67
N ASN A 101 20.30 0.01 -29.62
CA ASN A 101 19.65 1.28 -29.94
C ASN A 101 20.02 1.78 -31.34
N GLY A 102 20.08 0.85 -32.30
CA GLY A 102 20.29 1.21 -33.69
C GLY A 102 21.72 1.51 -34.07
N LYS A 103 22.67 1.43 -33.15
CA LYS A 103 24.08 1.65 -33.45
C LYS A 103 24.87 0.39 -33.15
N LEU A 104 25.95 0.20 -33.89
CA LEU A 104 26.76 -1.01 -33.79
C LEU A 104 27.87 -0.79 -32.77
N ILE A 105 27.95 -1.66 -31.77
CA ILE A 105 28.89 -1.52 -30.67
C ILE A 105 30.02 -2.53 -30.70
N ALA A 106 29.98 -3.49 -31.61
CA ALA A 106 30.98 -4.56 -31.60
C ALA A 106 31.12 -5.14 -33.00
N TYR A 107 32.22 -5.88 -33.19
CA TYR A 107 32.46 -6.59 -34.44
C TYR A 107 32.19 -8.06 -34.22
N PRO A 108 31.13 -8.63 -34.80
CA PRO A 108 30.86 -10.06 -34.60
C PRO A 108 32.01 -10.92 -35.10
N ILE A 109 32.26 -12.01 -34.38
CA ILE A 109 33.33 -12.92 -34.75
C ILE A 109 32.74 -14.31 -35.01
N ALA A 110 32.04 -14.85 -34.03
CA ALA A 110 31.52 -16.21 -34.14
C ALA A 110 30.13 -16.30 -33.53
N VAL A 111 29.38 -17.31 -33.97
CA VAL A 111 28.09 -17.66 -33.39
C VAL A 111 28.24 -19.04 -32.76
N GLU A 112 28.08 -19.11 -31.44
CA GLU A 112 28.26 -20.34 -30.69
C GLU A 112 26.98 -20.70 -29.97
N ALA A 113 26.63 -21.99 -30.00
CA ALA A 113 25.45 -22.49 -29.31
C ALA A 113 25.78 -23.84 -28.70
N LEU A 114 25.05 -24.19 -27.65
CA LEU A 114 25.27 -25.46 -26.98
C LEU A 114 24.81 -26.62 -27.84
N SER A 115 25.44 -27.78 -27.65
CA SER A 115 25.07 -28.98 -28.37
C SER A 115 25.36 -30.19 -27.49
N LEU A 116 24.68 -31.28 -27.79
CA LEU A 116 24.82 -32.53 -27.06
C LEU A 116 25.95 -33.35 -27.68
N ILE A 117 27.02 -33.57 -26.92
CA ILE A 117 28.15 -34.36 -27.37
C ILE A 117 28.12 -35.67 -26.60
N TYR A 118 27.98 -36.78 -27.32
CA TYR A 118 27.90 -38.11 -26.73
C TYR A 118 29.04 -38.97 -27.23
N ASN A 119 29.27 -40.08 -26.53
CA ASN A 119 30.30 -41.04 -26.88
C ASN A 119 29.69 -42.13 -27.73
N LYS A 120 30.26 -42.34 -28.93
CA LYS A 120 29.73 -43.35 -29.84
C LYS A 120 29.84 -44.75 -29.24
N ASP A 121 30.98 -45.06 -28.61
CA ASP A 121 31.17 -46.38 -28.04
C ASP A 121 30.21 -46.63 -26.87
N LEU A 122 29.99 -45.61 -26.05
CA LEU A 122 29.11 -45.78 -24.88
C LEU A 122 27.66 -45.94 -25.30
N LEU A 123 27.22 -45.23 -26.34
CA LEU A 123 25.84 -45.32 -26.79
C LEU A 123 25.72 -45.10 -28.29
N PRO A 124 25.03 -45.99 -29.00
CA PRO A 124 24.86 -45.79 -30.45
C PRO A 124 24.15 -44.49 -30.82
N ASN A 125 22.97 -44.24 -30.25
CA ASN A 125 22.19 -43.09 -30.65
C ASN A 125 21.88 -42.20 -29.46
N PRO A 126 21.86 -40.88 -29.64
CA PRO A 126 21.58 -39.99 -28.53
C PRO A 126 20.13 -40.13 -28.07
N PRO A 127 19.84 -39.87 -26.80
CA PRO A 127 18.46 -39.96 -26.33
C PRO A 127 17.61 -38.85 -26.94
N LYS A 128 16.42 -39.21 -27.39
CA LYS A 128 15.55 -38.24 -28.04
C LYS A 128 14.88 -37.30 -27.04
N THR A 129 14.67 -37.76 -25.81
CA THR A 129 13.99 -36.98 -24.80
C THR A 129 14.82 -36.96 -23.52
N TRP A 130 14.58 -35.94 -22.70
CA TRP A 130 15.30 -35.81 -21.44
C TRP A 130 14.97 -36.95 -20.49
N GLU A 131 13.71 -37.37 -20.45
CA GLU A 131 13.27 -38.36 -19.48
C GLU A 131 13.90 -39.73 -19.71
N GLU A 132 14.37 -40.01 -20.93
CA GLU A 132 15.07 -41.26 -21.18
C GLU A 132 16.47 -41.24 -20.57
N ILE A 133 17.03 -40.04 -20.37
CA ILE A 133 18.40 -39.94 -19.85
C ILE A 133 18.55 -40.60 -18.49
N PRO A 134 17.63 -40.42 -17.51
CA PRO A 134 17.76 -41.15 -16.24
C PRO A 134 17.99 -42.64 -16.41
N ALA A 135 17.08 -43.30 -17.11
CA ALA A 135 17.19 -44.74 -17.30
C ALA A 135 18.53 -45.11 -17.92
N LEU A 136 18.90 -44.45 -19.02
CA LEU A 136 20.20 -44.68 -19.63
C LEU A 136 21.31 -44.55 -18.59
N ASP A 137 21.24 -43.50 -17.76
CA ASP A 137 22.28 -43.29 -16.75
C ASP A 137 22.34 -44.45 -15.77
N LYS A 138 21.18 -44.96 -15.36
CA LYS A 138 21.21 -46.06 -14.39
C LYS A 138 21.69 -47.36 -15.03
N GLU A 139 21.82 -47.40 -16.36
CA GLU A 139 22.50 -48.51 -17.00
C GLU A 139 24.01 -48.43 -16.82
N LEU A 140 24.56 -47.21 -16.81
CA LEU A 140 26.00 -47.05 -16.74
C LEU A 140 26.56 -47.35 -15.36
N LYS A 141 25.79 -47.10 -14.31
CA LYS A 141 26.24 -47.36 -12.94
C LYS A 141 26.38 -48.86 -12.69
N LEU A 148 24.96 -38.83 -17.84
CA LEU A 148 24.99 -37.43 -18.24
C LEU A 148 25.45 -36.52 -17.11
N MET A 149 26.45 -35.69 -17.40
CA MET A 149 26.94 -34.71 -16.43
C MET A 149 27.62 -33.59 -17.19
N PHE A 150 27.43 -32.36 -16.73
CA PHE A 150 27.96 -31.19 -17.42
C PHE A 150 28.23 -30.11 -16.37
N ASN A 151 28.42 -28.88 -16.83
CA ASN A 151 28.66 -27.75 -15.94
C ASN A 151 27.35 -27.27 -15.36
N LEU A 152 27.23 -27.30 -14.04
CA LEU A 152 26.03 -26.81 -13.36
C LEU A 152 26.25 -25.47 -12.68
N GLN A 153 27.50 -25.07 -12.45
CA GLN A 153 27.76 -23.81 -11.76
C GLN A 153 27.28 -22.62 -12.59
N GLU A 154 27.51 -22.65 -13.89
CA GLU A 154 27.09 -21.54 -14.73
C GLU A 154 25.68 -21.78 -15.27
N PRO A 155 24.79 -20.80 -15.16
CA PRO A 155 23.41 -21.00 -15.64
C PRO A 155 23.29 -21.05 -17.15
N TYR A 156 24.37 -20.80 -17.90
CA TYR A 156 24.30 -20.90 -19.35
C TYR A 156 24.00 -22.32 -19.80
N PHE A 157 24.62 -23.30 -19.15
CA PHE A 157 24.38 -24.70 -19.51
C PHE A 157 23.03 -25.20 -18.99
N THR A 158 22.62 -24.73 -17.81
CA THR A 158 21.35 -25.19 -17.23
C THR A 158 20.15 -24.57 -17.92
N TRP A 159 20.30 -23.35 -18.43
CA TRP A 159 19.16 -22.61 -18.98
C TRP A 159 18.40 -23.34 -20.08
N PRO A 160 19.01 -24.06 -21.02
CA PRO A 160 18.20 -24.72 -22.06
C PRO A 160 17.13 -25.63 -21.50
N LEU A 161 17.44 -26.40 -20.47
CA LEU A 161 16.45 -27.29 -19.88
C LEU A 161 15.35 -26.50 -19.17
N ILE A 162 15.69 -25.36 -18.58
CA ILE A 162 14.69 -24.53 -17.91
C ILE A 162 13.77 -23.89 -18.93
N ALA A 163 14.32 -23.43 -20.05
CA ALA A 163 13.55 -22.72 -21.07
C ALA A 163 12.87 -23.63 -22.07
N ALA A 164 13.13 -24.94 -22.01
CA ALA A 164 12.47 -25.86 -22.93
C ALA A 164 10.96 -25.77 -22.85
N ASP A 165 10.41 -25.57 -21.65
CA ASP A 165 8.97 -25.60 -21.43
C ASP A 165 8.36 -24.21 -21.29
N GLY A 166 8.87 -23.22 -22.02
CA GLY A 166 8.27 -21.90 -22.07
C GLY A 166 8.92 -20.86 -21.20
N GLY A 167 9.87 -21.23 -20.35
CA GLY A 167 10.56 -20.24 -19.54
C GLY A 167 11.36 -19.29 -20.42
N TYR A 168 11.23 -17.99 -20.15
CA TYR A 168 11.91 -16.97 -20.93
C TYR A 168 12.53 -15.93 -20.00
N ALA A 169 13.67 -15.39 -20.43
CA ALA A 169 14.34 -14.35 -19.65
C ALA A 169 13.57 -13.04 -19.71
N PHE A 170 13.16 -12.63 -20.91
CA PHE A 170 12.43 -11.39 -21.09
C PHE A 170 11.46 -11.56 -22.24
N LYS A 171 10.23 -11.10 -22.05
CA LYS A 171 9.20 -11.25 -23.06
C LYS A 171 9.56 -10.45 -24.31
N TYR A 172 9.60 -11.12 -25.46
CA TYR A 172 9.93 -10.48 -26.73
C TYR A 172 8.64 -10.28 -27.50
N GLU A 173 8.15 -9.05 -27.54
CA GLU A 173 6.90 -8.72 -28.21
C GLU A 173 7.16 -7.63 -29.24
N ASN A 174 6.64 -7.85 -30.46
CA ASN A 174 6.81 -6.97 -31.62
C ASN A 174 8.22 -6.42 -31.75
N GLY A 175 9.22 -7.26 -31.51
CA GLY A 175 10.61 -6.89 -31.71
C GLY A 175 11.28 -6.18 -30.55
N LYS A 176 10.55 -5.91 -29.47
CA LYS A 176 11.09 -5.22 -28.30
C LYS A 176 10.98 -6.11 -27.07
N TYR A 177 11.89 -5.87 -26.12
CA TYR A 177 11.96 -6.65 -24.90
C TYR A 177 11.20 -5.93 -23.78
N ASP A 178 10.39 -6.67 -23.04
CA ASP A 178 9.60 -6.13 -21.94
C ASP A 178 10.31 -6.43 -20.63
N ILE A 179 11.03 -5.43 -20.11
CA ILE A 179 11.76 -5.61 -18.85
C ILE A 179 10.78 -5.82 -17.70
N LYS A 180 9.57 -5.26 -17.79
CA LYS A 180 8.60 -5.37 -16.71
C LYS A 180 8.18 -6.83 -16.48
N ASP A 181 8.26 -7.66 -17.51
CA ASP A 181 7.82 -9.04 -17.44
C ASP A 181 9.03 -9.97 -17.49
N VAL A 182 9.12 -10.89 -16.54
CA VAL A 182 10.15 -11.91 -16.51
C VAL A 182 9.46 -13.27 -16.39
N GLY A 183 9.84 -14.20 -17.27
CA GLY A 183 9.17 -15.48 -17.33
C GLY A 183 9.86 -16.61 -16.58
N VAL A 184 10.77 -16.27 -15.66
CA VAL A 184 11.43 -17.29 -14.87
C VAL A 184 10.51 -17.94 -13.85
N ASP A 185 9.33 -17.38 -13.63
CA ASP A 185 8.37 -17.92 -12.68
C ASP A 185 7.30 -18.78 -13.34
N ASN A 186 7.41 -19.05 -14.65
CA ASN A 186 6.42 -19.84 -15.34
C ASN A 186 6.42 -21.27 -14.82
N ALA A 187 5.28 -21.95 -14.99
CA ALA A 187 5.20 -23.35 -14.61
C ALA A 187 6.19 -24.21 -15.39
N GLY A 188 6.53 -23.79 -16.60
CA GLY A 188 7.54 -24.52 -17.37
C GLY A 188 8.92 -24.45 -16.72
N ALA A 189 9.30 -23.27 -16.24
CA ALA A 189 10.58 -23.13 -15.53
C ALA A 189 10.58 -23.97 -14.25
N LYS A 190 9.46 -23.97 -13.53
CA LYS A 190 9.35 -24.79 -12.33
C LYS A 190 9.51 -26.27 -12.68
N ALA A 191 8.85 -26.71 -13.75
CA ALA A 191 8.95 -28.11 -14.15
C ALA A 191 10.38 -28.47 -14.54
N GLY A 192 11.04 -27.59 -15.29
CA GLY A 192 12.42 -27.87 -15.69
C GLY A 192 13.35 -27.95 -14.49
N LEU A 193 13.25 -26.98 -13.58
CA LEU A 193 14.14 -26.99 -12.42
C LEU A 193 13.84 -28.16 -11.49
N THR A 194 12.56 -28.54 -11.35
CA THR A 194 12.26 -29.69 -10.50
C THR A 194 12.72 -30.99 -11.14
N PHE A 195 12.68 -31.08 -12.48
CA PHE A 195 13.26 -32.23 -13.15
C PHE A 195 14.77 -32.29 -12.93
N LEU A 196 15.44 -31.14 -13.03
CA LEU A 196 16.89 -31.13 -12.82
C LEU A 196 17.26 -31.48 -11.38
N VAL A 197 16.51 -30.96 -10.41
CA VAL A 197 16.82 -31.28 -9.01
C VAL A 197 16.45 -32.73 -8.72
N ASP A 198 15.47 -33.29 -9.43
CA ASP A 198 15.20 -34.72 -9.31
C ASP A 198 16.37 -35.53 -9.86
N LEU A 199 16.95 -35.10 -10.99
CA LEU A 199 18.13 -35.77 -11.51
C LEU A 199 19.29 -35.69 -10.51
N ILE A 200 19.45 -34.55 -9.86
CA ILE A 200 20.49 -34.41 -8.84
C ILE A 200 20.21 -35.33 -7.66
N LYS A 201 18.96 -35.37 -7.20
CA LYS A 201 18.59 -36.19 -6.05
C LYS A 201 18.67 -37.68 -6.35
N ASN A 202 18.54 -38.08 -7.61
CA ASN A 202 18.67 -39.48 -8.00
C ASN A 202 20.12 -39.93 -8.11
N LYS A 203 21.06 -39.14 -7.59
CA LYS A 203 22.49 -39.42 -7.66
C LYS A 203 22.98 -39.58 -9.09
N HIS A 204 22.28 -38.98 -10.05
CA HIS A 204 22.61 -39.13 -11.45
C HIS A 204 23.58 -38.07 -11.94
N MET A 205 23.62 -36.91 -11.28
CA MET A 205 24.51 -35.83 -11.66
C MET A 205 25.04 -35.16 -10.41
N ASN A 206 26.34 -34.85 -10.41
CA ASN A 206 26.95 -34.16 -9.28
C ASN A 206 26.51 -32.70 -9.25
N ALA A 207 26.11 -32.22 -8.08
CA ALA A 207 25.68 -30.84 -7.94
C ALA A 207 26.85 -29.87 -7.94
N ASP A 208 28.03 -30.32 -7.50
CA ASP A 208 29.18 -29.44 -7.33
C ASP A 208 30.12 -29.43 -8.53
N THR A 209 29.83 -30.19 -9.57
CA THR A 209 30.72 -30.25 -10.72
C THR A 209 30.69 -28.95 -11.50
N ASP A 210 31.76 -28.70 -12.25
CA ASP A 210 31.85 -27.51 -13.09
C ASP A 210 32.30 -27.85 -14.50
N TYR A 211 32.64 -26.83 -15.28
CA TYR A 211 33.06 -27.06 -16.67
C TYR A 211 34.30 -27.92 -16.76
N SER A 212 35.30 -27.62 -15.93
CA SER A 212 36.57 -28.33 -16.01
C SER A 212 36.42 -29.80 -15.65
N ILE A 213 35.66 -30.10 -14.58
CA ILE A 213 35.47 -31.49 -14.18
C ILE A 213 34.68 -32.24 -15.24
N ALA A 214 33.67 -31.61 -15.82
CA ALA A 214 32.90 -32.26 -16.89
C ALA A 214 33.78 -32.57 -18.09
N GLU A 215 34.63 -31.61 -18.50
CA GLU A 215 35.56 -31.88 -19.58
C GLU A 215 36.49 -33.04 -19.25
N ALA A 216 37.09 -33.02 -18.06
CA ALA A 216 38.02 -34.08 -17.69
C ALA A 216 37.33 -35.43 -17.68
N ALA A 217 36.09 -35.48 -17.19
CA ALA A 217 35.34 -36.74 -17.22
C ALA A 217 35.07 -37.20 -18.65
N PHE A 218 34.74 -36.26 -19.55
CA PHE A 218 34.37 -36.68 -20.90
C PHE A 218 35.58 -37.12 -21.73
N ASN A 219 36.75 -36.52 -21.51
CA ASN A 219 37.94 -37.00 -22.21
C ASN A 219 38.28 -38.44 -21.80
N LYS A 220 38.11 -38.76 -20.52
CA LYS A 220 38.41 -40.13 -20.07
C LYS A 220 37.32 -41.12 -20.40
N GLY A 221 36.18 -40.68 -20.94
CA GLY A 221 35.10 -41.59 -21.29
C GLY A 221 34.26 -42.06 -20.13
N GLU A 222 34.44 -41.48 -18.94
CA GLU A 222 33.64 -41.88 -17.79
C GLU A 222 32.16 -41.56 -18.01
N THR A 223 31.87 -40.40 -18.59
CA THR A 223 30.50 -40.02 -18.89
C THR A 223 30.21 -40.23 -20.37
N ALA A 224 29.01 -40.69 -20.67
CA ALA A 224 28.63 -40.97 -22.05
C ALA A 224 28.29 -39.71 -22.83
N MET A 225 27.64 -38.75 -22.18
CA MET A 225 27.04 -37.61 -22.87
C MET A 225 27.15 -36.36 -22.02
N THR A 226 27.19 -35.20 -22.69
CA THR A 226 27.34 -33.93 -22.02
C THR A 226 26.81 -32.82 -22.94
N ILE A 227 26.61 -31.64 -22.36
CA ILE A 227 26.20 -30.46 -23.10
C ILE A 227 27.37 -29.48 -23.11
N ASN A 228 27.77 -29.04 -24.31
CA ASN A 228 28.91 -28.13 -24.40
C ASN A 228 28.85 -27.37 -25.71
N GLY A 229 29.61 -26.29 -25.78
CA GLY A 229 29.72 -25.49 -26.97
C GLY A 229 30.80 -25.98 -27.89
N PRO A 230 30.97 -25.31 -29.03
CA PRO A 230 32.01 -25.73 -29.98
C PRO A 230 33.42 -25.66 -29.43
N TRP A 231 33.70 -24.71 -28.54
CA TRP A 231 35.06 -24.47 -28.08
C TRP A 231 35.68 -25.71 -27.45
N ALA A 232 34.88 -26.57 -26.83
CA ALA A 232 35.43 -27.75 -26.17
C ALA A 232 35.90 -28.82 -27.15
N TRP A 233 35.39 -28.80 -28.39
CA TRP A 233 35.63 -29.89 -29.32
C TRP A 233 37.12 -30.20 -29.48
N SER A 234 37.94 -29.16 -29.67
CA SER A 234 39.37 -29.38 -29.86
C SER A 234 39.96 -30.19 -28.73
N ASN A 235 39.60 -29.86 -27.49
CA ASN A 235 40.13 -30.60 -26.35
C ASN A 235 39.77 -32.07 -26.45
N ILE A 236 38.51 -32.36 -26.79
CA ILE A 236 38.09 -33.75 -26.97
C ILE A 236 38.84 -34.36 -28.14
N ASP A 237 39.11 -33.57 -29.17
CA ASP A 237 39.91 -34.06 -30.29
C ASP A 237 41.30 -34.49 -29.85
N THR A 238 41.83 -33.86 -28.79
CA THR A 238 43.11 -34.30 -28.25
C THR A 238 42.98 -35.62 -27.52
N SER A 239 41.83 -35.89 -26.91
CA SER A 239 41.62 -37.16 -26.21
C SER A 239 41.37 -38.32 -27.16
N LYS A 240 41.23 -38.05 -28.46
CA LYS A 240 41.10 -39.04 -29.53
C LYS A 240 39.95 -40.03 -29.28
N VAL A 241 39.04 -39.70 -28.37
CA VAL A 241 37.84 -40.50 -28.18
C VAL A 241 36.78 -40.04 -29.17
N ASN A 242 36.11 -40.98 -29.80
CA ASN A 242 35.09 -40.64 -30.79
C ASN A 242 33.89 -39.96 -30.12
N TYR A 243 33.44 -38.86 -30.72
CA TYR A 243 32.37 -38.05 -30.16
C TYR A 243 31.39 -37.67 -31.26
N GLY A 244 30.09 -37.73 -30.93
CA GLY A 244 29.06 -37.30 -31.84
C GLY A 244 28.28 -36.13 -31.29
N VAL A 245 28.04 -35.12 -32.12
CA VAL A 245 27.37 -33.90 -31.70
C VAL A 245 25.99 -33.87 -32.33
N THR A 246 24.99 -33.43 -31.57
CA THR A 246 23.62 -33.40 -32.05
C THR A 246 22.82 -32.38 -31.25
N VAL A 247 21.53 -32.31 -31.56
CA VAL A 247 20.62 -31.38 -30.88
C VAL A 247 20.41 -31.82 -29.44
N LEU A 248 20.19 -30.85 -28.56
CA LEU A 248 19.89 -31.16 -27.17
C LEU A 248 18.57 -31.93 -27.09
N PRO A 249 18.44 -32.84 -26.12
CA PRO A 249 17.22 -33.64 -26.02
C PRO A 249 16.01 -32.78 -25.69
N THR A 250 14.84 -33.25 -26.12
CA THR A 250 13.60 -32.54 -25.87
C THR A 250 13.10 -32.81 -24.46
N PHE A 251 12.48 -31.79 -23.86
CA PHE A 251 11.95 -31.87 -22.51
C PHE A 251 10.43 -31.88 -22.56
N LYS A 252 9.83 -32.97 -22.11
CA LYS A 252 8.37 -33.14 -22.10
C LYS A 252 7.78 -32.87 -23.48
N GLY A 253 8.44 -33.39 -24.52
CA GLY A 253 8.01 -33.18 -25.88
C GLY A 253 8.36 -31.83 -26.46
N GLN A 254 9.04 -30.98 -25.71
CA GLN A 254 9.44 -29.66 -26.17
C GLN A 254 10.96 -29.60 -26.23
N PRO A 255 11.54 -29.18 -27.35
CA PRO A 255 13.00 -29.12 -27.46
C PRO A 255 13.59 -28.07 -26.52
N SER A 256 14.80 -28.35 -26.05
CA SER A 256 15.53 -27.37 -25.27
C SER A 256 15.89 -26.16 -26.13
N LYS A 257 15.75 -24.98 -25.57
CA LYS A 257 16.02 -23.76 -26.31
C LYS A 257 17.24 -23.05 -25.71
N PRO A 258 18.45 -23.45 -26.11
CA PRO A 258 19.64 -22.82 -25.54
C PRO A 258 19.79 -21.39 -26.01
N PHE A 259 20.36 -20.55 -25.15
CA PHE A 259 20.70 -19.21 -25.57
C PHE A 259 21.78 -19.25 -26.63
N VAL A 260 21.61 -18.43 -27.67
CA VAL A 260 22.56 -18.36 -28.77
C VAL A 260 23.54 -17.22 -28.49
N GLY A 261 24.82 -17.57 -28.38
CA GLY A 261 25.84 -16.58 -28.08
C GLY A 261 26.50 -16.06 -29.35
N VAL A 262 26.75 -14.75 -29.37
CA VAL A 262 27.50 -14.15 -30.46
C VAL A 262 28.81 -13.63 -29.88
N LEU A 263 29.86 -14.44 -30.00
CA LEU A 263 31.17 -14.04 -29.55
C LEU A 263 31.68 -12.92 -30.45
N SER A 264 31.76 -11.71 -29.90
CA SER A 264 32.11 -10.52 -30.66
C SER A 264 33.19 -9.75 -29.92
N ALA A 265 33.78 -8.80 -30.63
CA ALA A 265 34.89 -7.98 -30.15
C ALA A 265 34.37 -6.58 -29.86
N GLY A 266 34.57 -6.11 -28.63
CA GLY A 266 34.23 -4.76 -28.24
C GLY A 266 35.49 -3.95 -27.96
N ILE A 267 35.53 -2.75 -28.53
CA ILE A 267 36.68 -1.86 -28.42
C ILE A 267 36.43 -0.90 -27.26
N ASN A 268 37.40 -0.80 -26.36
CA ASN A 268 37.24 0.02 -25.18
C ASN A 268 37.13 1.49 -25.56
N ALA A 269 36.27 2.22 -24.84
CA ALA A 269 36.08 3.64 -25.12
C ALA A 269 37.35 4.44 -24.81
N ALA A 270 38.06 4.07 -23.75
CA ALA A 270 39.27 4.76 -23.34
C ALA A 270 40.52 4.20 -24.02
N SER A 271 40.36 3.49 -25.12
CA SER A 271 41.50 2.89 -25.81
C SER A 271 42.32 3.96 -26.53
N PRO A 272 43.61 4.12 -26.21
CA PRO A 272 44.42 5.09 -26.97
C PRO A 272 44.70 4.64 -28.40
N ASN A 273 44.47 3.37 -28.72
CA ASN A 273 44.71 2.82 -30.05
C ASN A 273 43.41 2.34 -30.68
N LYS A 274 42.36 3.15 -30.57
CA LYS A 274 41.04 2.74 -31.06
C LYS A 274 41.07 2.47 -32.56
N GLU A 275 41.66 3.38 -33.34
CA GLU A 275 41.71 3.20 -34.78
C GLU A 275 42.58 1.99 -35.16
N LEU A 276 43.71 1.82 -34.47
CA LEU A 276 44.57 0.67 -34.75
C LEU A 276 43.85 -0.64 -34.45
N ALA A 277 43.15 -0.71 -33.31
CA ALA A 277 42.41 -1.91 -32.97
C ALA A 277 41.30 -2.19 -33.96
N LYS A 278 40.59 -1.13 -34.38
CA LYS A 278 39.52 -1.29 -35.36
C LYS A 278 40.07 -1.81 -36.69
N GLU A 279 41.21 -1.25 -37.13
CA GLU A 279 41.80 -1.72 -38.38
C GLU A 279 42.28 -3.16 -38.25
N PHE A 280 42.85 -3.52 -37.10
CA PHE A 280 43.29 -4.90 -36.88
C PHE A 280 42.10 -5.86 -36.92
N LEU A 281 40.98 -5.48 -36.31
CA LEU A 281 39.80 -6.32 -36.35
C LEU A 281 39.25 -6.46 -37.76
N GLU A 282 39.19 -5.35 -38.50
CA GLU A 282 38.53 -5.36 -39.81
C GLU A 282 39.39 -6.06 -40.86
N ASN A 283 40.69 -5.80 -40.87
CA ASN A 283 41.53 -6.22 -41.99
C ASN A 283 42.40 -7.43 -41.70
N TYR A 284 42.58 -7.81 -40.44
CA TYR A 284 43.47 -8.92 -40.10
C TYR A 284 42.74 -10.08 -39.43
N LEU A 285 41.96 -9.81 -38.37
CA LEU A 285 41.30 -10.91 -37.68
C LEU A 285 40.13 -11.45 -38.47
N LEU A 286 39.20 -10.58 -38.86
CA LEU A 286 37.99 -11.00 -39.57
C LEU A 286 38.28 -11.24 -41.06
N THR A 287 39.21 -12.16 -41.30
CA THR A 287 39.57 -12.61 -42.64
C THR A 287 39.57 -14.12 -42.67
N ASP A 288 39.65 -14.68 -43.87
CA ASP A 288 39.63 -16.13 -44.02
C ASP A 288 40.82 -16.77 -43.31
N GLU A 289 42.02 -16.21 -43.51
CA GLU A 289 43.20 -16.75 -42.85
C GLU A 289 43.12 -16.61 -41.34
N GLY A 290 42.65 -15.45 -40.86
CA GLY A 290 42.56 -15.24 -39.43
C GLY A 290 41.58 -16.20 -38.77
N LEU A 291 40.40 -16.35 -39.36
CA LEU A 291 39.41 -17.27 -38.80
C LEU A 291 39.89 -18.72 -38.89
N GLU A 292 40.55 -19.09 -39.99
CA GLU A 292 41.01 -20.47 -40.10
C GLU A 292 42.17 -20.75 -39.14
N ALA A 293 42.94 -19.72 -38.78
CA ALA A 293 43.98 -19.91 -37.79
C ALA A 293 43.40 -19.97 -36.37
N VAL A 294 42.38 -19.17 -36.09
CA VAL A 294 41.78 -19.18 -34.77
C VAL A 294 41.02 -20.48 -34.53
N ASN A 295 40.24 -20.93 -35.53
CA ASN A 295 39.43 -22.12 -35.36
C ASN A 295 40.26 -23.38 -35.19
N LYS A 296 41.46 -23.40 -35.78
CA LYS A 296 42.33 -24.55 -35.60
C LYS A 296 42.73 -24.72 -34.15
N ASP A 297 43.02 -23.61 -33.46
CA ASP A 297 43.34 -23.66 -32.04
C ASP A 297 42.15 -24.18 -31.24
N LYS A 298 40.98 -23.56 -31.42
CA LYS A 298 39.77 -23.93 -30.71
C LYS A 298 38.61 -23.67 -31.65
N PRO A 299 37.65 -24.60 -31.77
CA PRO A 299 36.53 -24.38 -32.70
C PRO A 299 35.67 -23.21 -32.26
N LEU A 300 35.58 -22.20 -33.12
CA LEU A 300 34.74 -21.04 -32.82
C LEU A 300 33.26 -21.35 -32.99
N GLY A 301 32.92 -22.33 -33.83
CA GLY A 301 31.54 -22.63 -34.14
C GLY A 301 31.13 -22.01 -35.47
N ALA A 302 29.90 -21.52 -35.55
CA ALA A 302 29.42 -20.84 -36.75
C ALA A 302 30.04 -19.45 -36.80
N VAL A 303 31.00 -19.26 -37.70
CA VAL A 303 31.68 -17.98 -37.79
C VAL A 303 30.78 -16.96 -38.49
N ALA A 304 31.00 -15.68 -38.17
CA ALA A 304 30.21 -14.62 -38.78
C ALA A 304 30.64 -14.35 -40.22
N LEU A 305 31.88 -14.65 -40.57
CA LEU A 305 32.37 -14.39 -41.92
C LEU A 305 31.73 -15.39 -42.88
N LYS A 306 31.22 -14.88 -44.00
CA LYS A 306 30.36 -15.70 -44.86
C LYS A 306 31.14 -16.82 -45.55
N SER A 307 32.28 -16.49 -46.16
CA SER A 307 33.00 -17.47 -46.97
C SER A 307 33.53 -18.61 -46.11
N TYR A 308 34.10 -18.29 -44.94
CA TYR A 308 34.61 -19.34 -44.07
C TYR A 308 33.48 -20.20 -43.53
N GLU A 309 32.33 -19.60 -43.23
CA GLU A 309 31.19 -20.38 -42.77
C GLU A 309 30.69 -21.32 -43.86
N GLU A 310 30.63 -20.84 -45.10
CA GLU A 310 30.24 -21.71 -46.21
C GLU A 310 31.24 -22.85 -46.40
N GLU A 311 32.53 -22.56 -46.28
CA GLU A 311 33.54 -23.61 -46.41
C GLU A 311 33.58 -24.52 -45.19
N LEU A 312 32.96 -24.12 -44.08
CA LEU A 312 32.99 -24.89 -42.85
C LEU A 312 31.66 -25.57 -42.53
N ALA A 313 30.56 -25.11 -43.13
CA ALA A 313 29.26 -25.72 -42.86
C ALA A 313 29.20 -27.18 -43.30
N LYS A 314 30.09 -27.62 -44.18
CA LYS A 314 30.13 -29.02 -44.59
C LYS A 314 30.45 -29.95 -43.42
N ASP A 315 31.10 -29.46 -42.39
CA ASP A 315 31.37 -30.28 -41.22
C ASP A 315 30.09 -30.47 -40.42
N PRO A 316 29.72 -31.71 -40.09
CA PRO A 316 28.43 -31.94 -39.42
C PRO A 316 28.29 -31.26 -38.08
N ARG A 317 29.41 -31.02 -37.37
CA ARG A 317 29.32 -30.38 -36.06
C ARG A 317 28.80 -28.95 -36.18
N ILE A 318 29.26 -28.22 -37.19
CA ILE A 318 28.75 -26.87 -37.41
C ILE A 318 27.27 -26.91 -37.77
N ALA A 319 26.86 -27.94 -38.51
CA ALA A 319 25.44 -28.10 -38.83
C ALA A 319 24.62 -28.31 -37.57
N ALA A 320 25.11 -29.15 -36.65
CA ALA A 320 24.40 -29.36 -35.38
C ALA A 320 24.34 -28.08 -34.57
N THR A 321 25.44 -27.32 -34.55
CA THR A 321 25.46 -26.05 -33.83
C THR A 321 24.44 -25.08 -34.41
N MET A 322 24.35 -25.01 -35.74
CA MET A 322 23.40 -24.11 -36.37
C MET A 322 21.96 -24.56 -36.14
N GLU A 323 21.72 -25.88 -36.12
CA GLU A 323 20.39 -26.38 -35.80
C GLU A 323 20.00 -26.00 -34.37
N ASN A 324 20.92 -26.16 -33.42
CA ASN A 324 20.63 -25.77 -32.04
C ASN A 324 20.39 -24.28 -31.92
N ALA A 325 21.15 -23.48 -32.68
CA ALA A 325 20.92 -22.04 -32.69
C ALA A 325 19.54 -21.70 -33.24
N GLN A 326 19.12 -22.39 -34.31
CA GLN A 326 17.80 -22.15 -34.89
C GLN A 326 16.70 -22.53 -33.89
N LYS A 327 16.85 -23.67 -33.22
CA LYS A 327 15.85 -24.06 -32.23
C LYS A 327 15.85 -23.12 -31.04
N GLY A 328 17.02 -22.67 -30.61
CA GLY A 328 17.12 -21.79 -29.46
C GLY A 328 16.87 -20.35 -29.81
N GLU A 329 17.05 -19.49 -28.80
CA GLU A 329 16.81 -18.06 -28.91
C GLU A 329 18.09 -17.31 -28.59
N ILE A 330 18.37 -16.24 -29.35
CA ILE A 330 19.57 -15.46 -29.14
C ILE A 330 19.46 -14.66 -27.85
N MET A 331 20.59 -14.47 -27.18
CA MET A 331 20.59 -13.73 -25.92
C MET A 331 20.24 -12.26 -26.17
N PRO A 332 19.42 -11.65 -25.33
CA PRO A 332 19.18 -10.22 -25.43
C PRO A 332 20.45 -9.43 -25.10
N ASN A 333 20.57 -8.27 -25.74
CA ASN A 333 21.68 -7.36 -25.48
C ASN A 333 21.27 -6.17 -24.62
N ILE A 334 20.19 -6.31 -23.85
CA ILE A 334 19.74 -5.24 -22.95
C ILE A 334 20.65 -5.20 -21.73
N PRO A 335 20.85 -4.04 -21.10
CA PRO A 335 21.73 -3.99 -19.93
C PRO A 335 21.15 -4.65 -18.70
N GLN A 336 19.86 -5.02 -18.73
CA GLN A 336 19.23 -5.76 -17.63
C GLN A 336 19.50 -7.25 -17.72
N MET A 337 20.54 -7.65 -18.44
CA MET A 337 20.86 -9.06 -18.67
C MET A 337 21.78 -9.61 -17.58
N SER A 338 22.89 -8.92 -17.34
CA SER A 338 23.90 -9.43 -16.41
C SER A 338 23.31 -9.74 -15.05
N ALA A 339 22.60 -8.76 -14.46
CA ALA A 339 21.93 -9.00 -13.19
C ALA A 339 21.05 -10.23 -13.27
N PHE A 340 20.24 -10.32 -14.33
CA PHE A 340 19.42 -11.51 -14.56
C PHE A 340 20.26 -12.77 -14.39
N TRP A 341 21.37 -12.85 -15.13
CA TRP A 341 22.22 -14.03 -15.06
C TRP A 341 22.58 -14.35 -13.63
N TYR A 342 23.05 -13.35 -12.89
CA TYR A 342 23.42 -13.57 -11.49
C TYR A 342 22.27 -14.21 -10.75
N ALA A 343 21.08 -13.62 -10.85
CA ALA A 343 19.92 -14.17 -10.17
C ALA A 343 19.75 -15.64 -10.54
N VAL A 344 19.72 -15.93 -11.84
CA VAL A 344 19.48 -17.30 -12.27
C VAL A 344 20.57 -18.21 -11.71
N ARG A 345 21.82 -17.76 -11.77
CA ARG A 345 22.91 -18.56 -11.23
C ARG A 345 22.61 -18.91 -9.78
N THR A 346 22.30 -17.89 -8.98
CA THR A 346 21.97 -18.14 -7.58
C THR A 346 20.83 -19.15 -7.48
N ALA A 347 19.77 -18.92 -8.25
CA ALA A 347 18.63 -19.83 -8.22
C ALA A 347 19.08 -21.25 -8.51
N VAL A 348 19.87 -21.43 -9.57
CA VAL A 348 20.31 -22.78 -9.93
C VAL A 348 21.10 -23.37 -8.78
N ILE A 349 22.00 -22.59 -8.18
CA ILE A 349 22.77 -23.09 -7.05
C ILE A 349 21.81 -23.46 -5.91
N ASN A 350 20.83 -22.60 -5.63
CA ASN A 350 19.88 -22.90 -4.57
C ASN A 350 19.12 -24.17 -4.87
N ALA A 351 18.93 -24.50 -6.15
CA ALA A 351 18.31 -25.77 -6.49
C ALA A 351 19.32 -26.90 -6.57
N ALA A 352 20.57 -26.60 -6.94
CA ALA A 352 21.53 -27.66 -7.17
C ALA A 352 21.99 -28.29 -5.86
N SER A 353 22.32 -27.48 -4.86
CA SER A 353 22.85 -27.98 -3.61
C SER A 353 21.78 -28.45 -2.64
N GLY A 354 20.50 -28.25 -2.96
CA GLY A 354 19.44 -28.65 -2.06
C GLY A 354 19.22 -27.73 -0.89
N ARG A 355 19.86 -26.56 -0.88
CA ARG A 355 19.67 -25.63 0.24
C ARG A 355 18.23 -25.17 0.34
N GLN A 356 17.56 -24.98 -0.79
CA GLN A 356 16.19 -24.49 -0.77
C GLN A 356 15.46 -25.02 -2.00
N THR A 357 14.13 -24.95 -1.95
CA THR A 357 13.30 -25.59 -2.96
C THR A 357 13.36 -24.84 -4.28
N VAL A 358 12.77 -25.46 -5.31
CA VAL A 358 12.79 -24.90 -6.66
C VAL A 358 11.95 -23.62 -6.73
N ASP A 359 10.72 -23.68 -6.19
CA ASP A 359 9.84 -22.52 -6.26
C ASP A 359 10.44 -21.34 -5.51
N GLN A 360 11.03 -21.59 -4.35
CA GLN A 360 11.69 -20.52 -3.61
C GLN A 360 12.85 -19.93 -4.41
N ALA A 361 13.63 -20.78 -5.07
CA ALA A 361 14.76 -20.29 -5.86
C ALA A 361 14.27 -19.41 -7.01
N LEU A 362 13.19 -19.81 -7.68
CA LEU A 362 12.66 -19.00 -8.76
C LEU A 362 12.09 -17.69 -8.25
N ALA A 363 11.42 -17.70 -7.10
CA ALA A 363 10.94 -16.46 -6.50
C ALA A 363 12.10 -15.54 -6.15
N PHE A 364 13.19 -16.10 -5.63
CA PHE A 364 14.37 -15.30 -5.30
C PHE A 364 14.97 -14.69 -6.56
N ALA A 365 15.05 -15.47 -7.64
CA ALA A 365 15.55 -14.93 -8.89
C ALA A 365 14.67 -13.80 -9.40
N GLN A 366 13.35 -13.96 -9.29
CA GLN A 366 12.43 -12.91 -9.71
C GLN A 366 12.63 -11.64 -8.88
N ILE A 367 12.85 -11.80 -7.57
CA ILE A 367 13.12 -10.65 -6.70
C ILE A 367 14.42 -9.97 -7.11
N LEU A 368 15.47 -10.76 -7.33
CA LEU A 368 16.78 -10.19 -7.62
C LEU A 368 16.83 -9.51 -8.99
N ILE A 369 15.96 -9.94 -9.91
CA ILE A 369 15.96 -9.32 -11.24
C ILE A 369 15.44 -7.89 -11.17
N MET A 370 14.53 -7.60 -10.24
CA MET A 370 13.90 -6.29 -10.17
C MET A 370 14.94 -5.19 -9.97
N PRO A 371 15.00 -4.20 -10.86
CA PRO A 371 16.08 -3.21 -10.80
C PRO A 371 15.86 -2.08 -9.81
N ASN A 372 14.62 -1.62 -9.64
CA ASN A 372 14.36 -0.40 -8.88
C ASN A 372 14.35 -0.62 -7.37
N LEU A 373 14.33 -1.86 -6.90
CA LEU A 373 14.25 -2.12 -5.46
C LEU A 373 15.51 -1.63 -4.77
N THR A 374 15.32 -0.94 -3.64
CA THR A 374 16.42 -0.60 -2.77
C THR A 374 17.00 -1.88 -2.15
N GLU A 375 18.26 -1.81 -1.71
CA GLU A 375 18.89 -2.96 -1.09
C GLU A 375 18.10 -3.43 0.13
N GLU A 376 17.61 -2.49 0.94
CA GLU A 376 16.85 -2.87 2.12
C GLU A 376 15.52 -3.52 1.75
N GLN A 377 14.82 -2.97 0.76
CA GLN A 377 13.57 -3.59 0.31
C GLN A 377 13.81 -4.97 -0.27
N ARG A 378 14.88 -5.12 -1.05
CA ARG A 378 15.19 -6.42 -1.63
C ARG A 378 15.51 -7.44 -0.55
N ASN A 379 16.30 -7.04 0.45
CA ASN A 379 16.61 -7.95 1.56
C ASN A 379 15.34 -8.30 2.33
N GLY A 380 14.45 -7.32 2.53
CA GLY A 380 13.21 -7.60 3.23
C GLY A 380 12.34 -8.60 2.48
N PHE A 381 12.24 -8.44 1.16
CA PHE A 381 11.45 -9.38 0.38
C PHE A 381 12.09 -10.76 0.35
N ILE A 382 13.42 -10.82 0.29
CA ILE A 382 14.13 -12.09 0.38
C ILE A 382 13.81 -12.79 1.69
N GLN A 383 13.85 -12.04 2.79
CA GLN A 383 13.52 -12.62 4.09
C GLN A 383 12.07 -13.07 4.14
N SER A 384 11.15 -12.26 3.61
CA SER A 384 9.73 -12.62 3.62
C SER A 384 9.47 -13.88 2.83
N LEU A 385 10.18 -14.06 1.71
CA LEU A 385 10.05 -15.30 0.95
C LEU A 385 10.70 -16.46 1.69
N LYS A 386 11.78 -16.20 2.43
CA LYS A 386 12.43 -17.27 3.20
C LYS A 386 11.48 -17.83 4.26
N ASP A 387 10.85 -16.96 5.02
CA ASP A 387 10.15 -17.41 6.22
C ASP A 387 8.67 -17.75 5.99
N ASP A 388 8.15 -17.54 4.78
CA ASP A 388 6.76 -17.91 4.46
C ASP A 388 6.63 -18.12 2.97
N PRO A 389 6.68 -19.37 2.50
CA PRO A 389 6.49 -19.64 1.07
C PRO A 389 5.06 -19.91 0.65
N SER A 390 4.11 -19.91 1.59
CA SER A 390 2.72 -20.20 1.26
C SER A 390 2.07 -19.09 0.45
N VAL A 391 2.50 -17.84 0.65
CA VAL A 391 1.92 -16.69 -0.04
C VAL A 391 2.95 -16.06 -0.96
N SER A 392 3.83 -16.90 -1.51
CA SER A 392 4.93 -16.39 -2.34
C SER A 392 4.41 -15.58 -3.53
N LYS A 393 3.27 -15.99 -4.09
CA LYS A 393 2.73 -15.25 -5.22
C LYS A 393 2.34 -13.84 -4.83
N GLU A 394 1.69 -13.67 -3.68
CA GLU A 394 1.31 -12.34 -3.24
C GLU A 394 2.53 -11.49 -2.91
N ILE A 395 3.54 -12.09 -2.30
CA ILE A 395 4.78 -11.36 -2.01
C ILE A 395 5.42 -10.87 -3.31
N LEU A 396 5.47 -11.74 -4.32
CA LEU A 396 6.05 -11.35 -5.60
C LEU A 396 5.22 -10.26 -6.27
N ALA A 397 3.88 -10.34 -6.17
CA ALA A 397 3.04 -9.33 -6.77
C ALA A 397 3.25 -7.96 -6.10
N GLU A 398 3.34 -7.95 -4.77
CA GLU A 398 3.57 -6.69 -4.07
C GLU A 398 4.96 -6.14 -4.38
N ALA A 399 5.95 -7.02 -4.48
CA ALA A 399 7.29 -6.56 -4.83
C ALA A 399 7.32 -5.97 -6.24
N LYS A 400 6.61 -6.60 -7.18
CA LYS A 400 6.54 -6.05 -8.53
C LYS A 400 5.82 -4.72 -8.56
N LYS A 401 4.75 -4.58 -7.76
CA LYS A 401 4.07 -3.30 -7.65
C LYS A 401 4.99 -2.22 -7.11
N LEU A 402 5.77 -2.56 -6.09
CA LEU A 402 6.75 -1.61 -5.55
C LEU A 402 7.80 -1.24 -6.57
N ASN A 403 8.29 -2.24 -7.33
CA ASN A 403 9.31 -2.00 -8.34
C ASN A 403 8.78 -1.07 -9.43
N GLU A 404 7.53 -1.26 -9.85
CA GLU A 404 6.94 -0.37 -10.83
C GLU A 404 6.70 1.01 -10.24
N HIS A 405 6.36 1.08 -8.95
CA HIS A 405 6.10 2.36 -8.30
C HIS A 405 7.34 3.23 -8.25
N GLN A 406 8.50 2.62 -8.00
CA GLN A 406 9.75 3.37 -7.85
C GLN A 406 10.47 3.58 -9.18
N ALA A 407 9.90 3.13 -10.28
CA ALA A 407 10.57 3.25 -11.56
C ALA A 407 10.72 4.72 -11.94
N PRO A 408 11.93 5.17 -12.29
CA PRO A 408 12.19 6.56 -12.69
C PRO A 408 11.71 6.87 -14.10
N THR A 482 -31.76 24.45 -17.25
CA THR A 482 -32.02 25.52 -16.29
C THR A 482 -32.65 26.72 -16.99
N TYR A 483 -33.54 27.40 -16.28
CA TYR A 483 -34.22 28.58 -16.80
C TYR A 483 -33.85 29.81 -15.96
N LYS A 484 -33.83 30.95 -16.63
CA LYS A 484 -33.30 32.19 -16.08
C LYS A 484 -34.41 33.19 -15.82
N LEU A 485 -34.24 33.97 -14.76
CA LEU A 485 -35.16 35.02 -14.34
C LEU A 485 -34.39 36.31 -14.19
N VAL A 486 -34.90 37.38 -14.80
CA VAL A 486 -34.33 38.72 -14.68
C VAL A 486 -35.40 39.62 -14.11
N ILE A 487 -35.14 40.15 -12.91
CA ILE A 487 -36.09 41.00 -12.20
C ILE A 487 -35.54 42.42 -12.21
N ASN A 488 -36.36 43.37 -12.65
CA ASN A 488 -36.03 44.80 -12.66
C ASN A 488 -37.15 45.54 -11.94
N GLY A 489 -37.06 45.59 -10.61
CA GLY A 489 -38.05 46.27 -9.80
C GLY A 489 -37.58 47.64 -9.36
N LYS A 490 -38.50 48.36 -8.69
CA LYS A 490 -38.16 49.66 -8.14
C LYS A 490 -37.20 49.55 -6.96
N THR A 491 -37.08 48.37 -6.36
CA THR A 491 -36.21 48.16 -5.20
C THR A 491 -35.07 47.20 -5.47
N LEU A 492 -35.34 46.06 -6.10
CA LEU A 492 -34.29 45.08 -6.37
C LEU A 492 -34.17 44.84 -7.86
N LYS A 493 -32.93 44.65 -8.33
CA LYS A 493 -32.64 44.27 -9.70
C LYS A 493 -31.63 43.15 -9.68
N GLY A 494 -31.90 42.08 -10.41
CA GLY A 494 -30.99 40.95 -10.38
C GLY A 494 -31.48 39.79 -11.24
N GLU A 495 -30.85 38.64 -11.01
CA GLU A 495 -31.06 37.45 -11.81
C GLU A 495 -31.11 36.22 -10.91
N THR A 496 -31.71 35.15 -11.43
CA THR A 496 -31.85 33.91 -10.67
C THR A 496 -32.07 32.74 -11.64
N THR A 497 -31.33 31.66 -11.46
CA THR A 497 -31.46 30.48 -12.31
C THR A 497 -32.05 29.34 -11.50
N THR A 498 -32.93 28.56 -12.13
CA THR A 498 -33.57 27.43 -11.46
C THR A 498 -33.59 26.22 -12.39
N LYS A 499 -33.88 25.06 -11.83
CA LYS A 499 -34.00 23.81 -12.58
C LYS A 499 -35.48 23.49 -12.73
N ALA A 500 -36.01 23.71 -13.94
CA ALA A 500 -37.40 23.44 -14.26
C ALA A 500 -37.49 22.72 -15.59
N VAL A 501 -38.41 21.76 -15.68
CA VAL A 501 -38.57 21.01 -16.92
C VAL A 501 -39.60 21.65 -17.85
N ASP A 502 -40.60 22.34 -17.30
CA ASP A 502 -41.65 22.96 -18.09
C ASP A 502 -41.59 24.48 -17.95
N ALA A 503 -41.85 25.18 -19.04
CA ALA A 503 -41.85 26.65 -19.01
C ALA A 503 -42.94 27.18 -18.10
N GLU A 504 -44.11 26.55 -18.12
CA GLU A 504 -45.21 26.98 -17.24
C GLU A 504 -44.84 26.81 -15.78
N THR A 505 -44.22 25.68 -15.43
CA THR A 505 -43.79 25.47 -14.05
C THR A 505 -42.77 26.53 -13.64
N ALA A 506 -41.83 26.85 -14.53
CA ALA A 506 -40.82 27.85 -14.21
C ALA A 506 -41.44 29.22 -14.03
N GLU A 507 -42.41 29.60 -14.88
CA GLU A 507 -43.01 30.91 -14.75
C GLU A 507 -43.86 31.00 -13.48
N LYS A 508 -44.52 29.91 -13.10
CA LYS A 508 -45.25 29.90 -11.83
C LYS A 508 -44.28 30.04 -10.66
N ALA A 509 -43.16 29.31 -10.69
CA ALA A 509 -42.20 29.39 -9.60
C ALA A 509 -41.61 30.79 -9.49
N PHE A 510 -41.28 31.40 -10.63
CA PHE A 510 -40.75 32.76 -10.61
C PHE A 510 -41.79 33.79 -10.19
N LYS A 511 -43.06 33.59 -10.54
CA LYS A 511 -44.10 34.48 -10.04
C LYS A 511 -44.21 34.38 -8.53
N GLN A 512 -44.17 33.16 -8.00
CA GLN A 512 -44.18 32.99 -6.55
C GLN A 512 -42.96 33.63 -5.90
N TYR A 513 -41.79 33.48 -6.52
CA TYR A 513 -40.57 34.06 -5.99
C TYR A 513 -40.63 35.57 -5.98
N ALA A 514 -41.12 36.17 -7.07
CA ALA A 514 -41.22 37.63 -7.15
C ALA A 514 -42.23 38.17 -6.16
N ASN A 515 -43.35 37.47 -5.97
CA ASN A 515 -44.29 37.86 -4.94
C ASN A 515 -43.65 37.75 -3.56
N ASP A 516 -42.84 36.70 -3.34
CA ASP A 516 -42.13 36.54 -2.09
C ASP A 516 -41.12 37.67 -1.86
N ASN A 517 -40.55 38.20 -2.94
CA ASN A 517 -39.60 39.30 -2.86
C ASN A 517 -40.25 40.66 -3.00
N GLY A 518 -41.58 40.72 -2.99
CA GLY A 518 -42.28 41.98 -3.15
C GLY A 518 -42.14 42.62 -4.51
N VAL A 519 -42.19 41.81 -5.57
CA VAL A 519 -42.15 42.30 -6.94
C VAL A 519 -43.50 42.01 -7.58
N ASP A 520 -44.12 43.05 -8.13
CA ASP A 520 -45.43 42.94 -8.77
C ASP A 520 -45.44 43.84 -9.99
N GLY A 521 -45.28 43.26 -11.17
CA GLY A 521 -45.22 44.05 -12.38
C GLY A 521 -45.41 43.19 -13.61
N VAL A 522 -45.23 43.82 -14.78
CA VAL A 522 -45.44 43.13 -16.04
C VAL A 522 -44.42 42.01 -16.22
N TRP A 523 -44.84 40.97 -16.91
CA TRP A 523 -44.07 39.75 -17.14
C TRP A 523 -43.89 39.55 -18.64
N THR A 524 -42.67 39.19 -19.05
CA THR A 524 -42.38 38.83 -20.42
C THR A 524 -41.53 37.57 -20.43
N TYR A 525 -41.60 36.82 -21.52
CA TYR A 525 -40.83 35.60 -21.65
C TYR A 525 -40.19 35.53 -23.04
N ASP A 526 -38.91 35.19 -23.08
CA ASP A 526 -38.19 34.95 -24.33
C ASP A 526 -37.71 33.50 -24.31
N ASP A 527 -38.27 32.68 -25.20
CA ASP A 527 -37.90 31.28 -25.25
C ASP A 527 -36.54 31.05 -25.89
N ALA A 528 -36.12 31.96 -26.77
CA ALA A 528 -34.83 31.79 -27.44
C ALA A 528 -33.69 31.78 -26.42
N THR A 529 -33.65 32.76 -25.53
CA THR A 529 -32.68 32.80 -24.45
C THR A 529 -33.21 32.20 -23.16
N LYS A 530 -34.47 31.75 -23.13
CA LYS A 530 -35.07 31.11 -21.97
C LYS A 530 -35.03 32.02 -20.75
N THR A 531 -35.47 33.26 -20.94
CA THR A 531 -35.43 34.27 -19.89
C THR A 531 -36.83 34.77 -19.58
N PHE A 532 -37.18 34.74 -18.29
CA PHE A 532 -38.40 35.36 -17.79
C PHE A 532 -38.02 36.73 -17.24
N THR A 533 -38.46 37.78 -17.91
CA THR A 533 -38.13 39.15 -17.52
C THR A 533 -39.35 39.77 -16.86
N VAL A 534 -39.25 40.06 -15.58
CA VAL A 534 -40.32 40.74 -14.83
C VAL A 534 -39.84 42.13 -14.46
N THR A 535 -40.68 43.12 -14.70
CA THR A 535 -40.28 44.50 -14.43
C THR A 535 -41.51 45.33 -14.11
N GLU A 536 -41.26 46.48 -13.47
CA GLU A 536 -42.33 47.40 -13.12
C GLU A 536 -42.13 48.76 -13.80
N ASP B 1 2.66 36.27 -8.34
CA ASP B 1 2.70 35.60 -7.04
C ASP B 1 1.94 34.28 -7.07
N VAL B 2 2.15 33.46 -6.05
CA VAL B 2 1.49 32.16 -5.98
C VAL B 2 0.01 32.36 -5.69
N GLN B 3 -0.83 31.78 -6.53
CA GLN B 3 -2.28 31.89 -6.39
C GLN B 3 -2.93 30.56 -6.68
N LEU B 4 -3.82 30.13 -5.79
CA LEU B 4 -4.62 28.92 -5.97
C LEU B 4 -6.08 29.28 -5.82
N VAL B 5 -6.90 28.83 -6.78
CA VAL B 5 -8.33 29.12 -6.75
C VAL B 5 -9.10 27.82 -6.92
N GLU B 6 -10.09 27.59 -6.07
CA GLU B 6 -10.93 26.40 -6.14
C GLU B 6 -12.23 26.72 -6.87
N SER B 7 -12.85 25.68 -7.42
CA SER B 7 -14.12 25.82 -8.10
C SER B 7 -14.76 24.44 -8.19
N GLY B 8 -16.08 24.45 -8.45
CA GLY B 8 -16.84 23.22 -8.61
C GLY B 8 -17.69 22.85 -7.43
N GLY B 9 -17.50 23.49 -6.27
CA GLY B 9 -18.32 23.19 -5.12
C GLY B 9 -19.75 23.66 -5.30
N GLY B 10 -20.64 23.03 -4.55
CA GLY B 10 -22.05 23.38 -4.64
C GLY B 10 -22.89 22.41 -3.82
N LEU B 11 -24.18 22.37 -4.15
CA LEU B 11 -25.14 21.53 -3.45
C LEU B 11 -25.37 20.26 -4.24
N VAL B 12 -25.16 19.11 -3.60
CA VAL B 12 -25.36 17.81 -4.22
C VAL B 12 -26.08 16.89 -3.24
N GLN B 13 -26.82 15.93 -3.79
CA GLN B 13 -27.54 14.98 -2.97
C GLN B 13 -26.59 13.91 -2.43
N PRO B 14 -26.93 13.29 -1.30
CA PRO B 14 -26.11 12.19 -0.79
C PRO B 14 -26.05 11.04 -1.78
N GLY B 15 -24.88 10.41 -1.86
CA GLY B 15 -24.66 9.32 -2.78
C GLY B 15 -24.29 9.73 -4.18
N LYS B 16 -24.27 11.02 -4.48
CA LYS B 16 -23.93 11.51 -5.81
C LYS B 16 -22.41 11.60 -5.94
N SER B 17 -21.94 12.25 -7.01
CA SER B 17 -20.52 12.47 -7.24
C SER B 17 -20.30 13.93 -7.59
N LEU B 18 -19.11 14.44 -7.26
CA LEU B 18 -18.81 15.84 -7.51
C LEU B 18 -17.34 15.99 -7.85
N ARG B 19 -17.03 16.91 -8.76
CA ARG B 19 -15.67 17.16 -9.20
C ARG B 19 -15.25 18.56 -8.78
N LEU B 20 -14.11 18.64 -8.08
CA LEU B 20 -13.54 19.90 -7.60
C LEU B 20 -12.28 20.20 -8.38
N SER B 21 -12.17 21.43 -8.89
CA SER B 21 -11.02 21.86 -9.67
C SER B 21 -10.26 22.92 -8.89
N CYS B 22 -8.93 22.88 -9.00
CA CYS B 22 -8.04 23.86 -8.36
C CYS B 22 -7.07 24.35 -9.42
N ALA B 23 -7.14 25.63 -9.73
CA ALA B 23 -6.29 26.26 -10.72
C ALA B 23 -5.17 27.03 -10.04
N ALA B 24 -3.95 26.82 -10.52
CA ALA B 24 -2.76 27.42 -9.94
C ALA B 24 -2.14 28.42 -10.91
N SER B 25 -1.54 29.47 -10.35
CA SER B 25 -0.87 30.48 -11.16
C SER B 25 0.29 31.06 -10.36
N GLY B 26 1.30 31.54 -11.08
CA GLY B 26 2.45 32.15 -10.46
C GLY B 26 3.58 31.21 -10.10
N PHE B 27 3.42 29.91 -10.32
CA PHE B 27 4.48 28.96 -10.01
C PHE B 27 4.31 27.72 -10.88
N THR B 28 5.39 26.94 -10.96
CA THR B 28 5.41 25.75 -11.80
C THR B 28 4.59 24.64 -11.14
N PHE B 29 3.43 24.33 -11.73
CA PHE B 29 2.53 23.35 -11.12
C PHE B 29 3.10 21.94 -11.18
N SER B 30 3.86 21.61 -12.22
CA SER B 30 4.34 20.25 -12.41
C SER B 30 5.43 19.86 -11.41
N ASN B 31 5.97 20.82 -10.65
CA ASN B 31 7.10 20.53 -9.78
C ASN B 31 6.70 20.33 -8.32
N PHE B 32 5.50 20.74 -7.91
CA PHE B 32 5.08 20.70 -6.52
C PHE B 32 3.94 19.71 -6.32
N GLY B 33 3.97 19.01 -5.19
CA GLY B 33 2.85 18.17 -4.82
C GLY B 33 1.69 19.00 -4.29
N MET B 34 0.50 18.40 -4.32
CA MET B 34 -0.72 19.11 -3.95
C MET B 34 -1.50 18.34 -2.90
N HIS B 35 -2.20 19.09 -2.04
CA HIS B 35 -3.06 18.56 -1.00
C HIS B 35 -4.47 19.09 -1.19
N TRP B 36 -5.45 18.25 -0.84
CA TRP B 36 -6.82 18.67 -0.67
C TRP B 36 -7.16 18.52 0.80
N VAL B 37 -7.55 19.62 1.45
CA VAL B 37 -7.82 19.66 2.88
C VAL B 37 -9.18 20.30 3.11
N ARG B 38 -10.04 19.63 3.86
CA ARG B 38 -11.38 20.14 4.14
C ARG B 38 -11.49 20.57 5.59
N GLN B 39 -12.35 21.56 5.81
CA GLN B 39 -12.62 22.08 7.15
C GLN B 39 -14.11 22.22 7.34
N ALA B 40 -14.61 21.78 8.50
CA ALA B 40 -16.00 21.93 8.88
C ALA B 40 -16.08 22.49 10.29
N PRO B 41 -17.16 23.20 10.62
CA PRO B 41 -17.24 23.81 11.97
C PRO B 41 -17.11 22.80 13.10
N GLU B 42 -17.66 21.60 12.92
CA GLU B 42 -17.58 20.55 13.93
C GLU B 42 -16.50 19.52 13.62
N MET B 43 -15.59 19.83 12.71
CA MET B 43 -14.53 18.93 12.30
C MET B 43 -13.14 19.52 12.41
N GLY B 44 -12.99 20.83 12.23
CA GLY B 44 -11.67 21.43 12.18
C GLY B 44 -10.99 21.08 10.87
N LEU B 45 -9.75 21.54 10.75
CA LEU B 45 -8.96 21.24 9.57
C LEU B 45 -8.65 19.75 9.54
N GLU B 46 -8.81 19.13 8.37
CA GLU B 46 -8.51 17.70 8.22
C GLU B 46 -8.00 17.46 6.81
N TRP B 47 -6.80 16.90 6.71
CA TRP B 47 -6.24 16.55 5.41
C TRP B 47 -7.05 15.44 4.77
N VAL B 48 -7.34 15.61 3.48
CA VAL B 48 -8.20 14.68 2.74
C VAL B 48 -7.39 13.86 1.75
N ALA B 49 -6.64 14.52 0.86
CA ALA B 49 -5.93 13.81 -0.19
C ALA B 49 -4.61 14.50 -0.48
N TYR B 50 -3.69 13.74 -1.09
CA TYR B 50 -2.40 14.27 -1.50
C TYR B 50 -1.95 13.58 -2.77
N ILE B 51 -1.49 14.36 -3.75
CA ILE B 51 -0.96 13.86 -5.00
C ILE B 51 0.46 14.37 -5.18
N SER B 52 1.34 13.50 -5.66
CA SER B 52 2.73 13.87 -5.88
C SER B 52 2.86 14.76 -7.11
N SER B 53 4.09 15.25 -7.33
CA SER B 53 4.35 16.11 -8.48
C SER B 53 4.15 15.37 -9.79
N GLY B 54 4.62 14.12 -9.86
CA GLY B 54 4.50 13.34 -11.06
C GLY B 54 3.36 12.34 -11.03
N SER B 55 2.44 12.52 -10.09
CA SER B 55 1.26 11.67 -9.90
C SER B 55 1.62 10.23 -9.54
N THR B 56 2.88 9.96 -9.20
CA THR B 56 3.28 8.59 -8.91
C THR B 56 2.77 8.13 -7.55
N THR B 57 2.73 9.02 -6.56
CA THR B 57 2.33 8.68 -5.20
C THR B 57 1.08 9.47 -4.83
N LYS B 58 0.08 8.77 -4.30
CA LYS B 58 -1.17 9.38 -3.90
C LYS B 58 -1.60 8.81 -2.55
N TYR B 59 -2.03 9.69 -1.66
CA TYR B 59 -2.49 9.30 -0.33
C TYR B 59 -3.86 9.88 -0.08
N TYR B 60 -4.67 9.16 0.69
CA TYR B 60 -6.04 9.55 0.97
C TYR B 60 -6.34 9.42 2.45
N GLY B 61 -7.23 10.28 2.94
CA GLY B 61 -7.63 10.21 4.33
C GLY B 61 -8.38 8.92 4.64
N ASP B 62 -8.30 8.53 5.92
CA ASP B 62 -8.90 7.26 6.34
C ASP B 62 -10.41 7.26 6.14
N THR B 63 -11.07 8.36 6.47
CA THR B 63 -12.52 8.43 6.33
C THR B 63 -12.98 8.68 4.90
N VAL B 64 -12.07 8.94 3.97
CA VAL B 64 -12.42 9.21 2.59
C VAL B 64 -11.73 8.27 1.61
N LYS B 65 -10.96 7.30 2.10
CA LYS B 65 -10.29 6.37 1.21
C LYS B 65 -11.30 5.43 0.57
N GLY B 66 -11.11 5.15 -0.72
CA GLY B 66 -12.03 4.32 -1.46
C GLY B 66 -13.18 5.07 -2.11
N ARG B 67 -13.29 6.37 -1.87
CA ARG B 67 -14.33 7.18 -2.48
C ARG B 67 -13.80 8.39 -3.22
N PHE B 68 -12.68 8.96 -2.77
CA PHE B 68 -12.13 10.18 -3.36
C PHE B 68 -10.93 9.82 -4.22
N THR B 69 -10.87 10.40 -5.41
CA THR B 69 -9.77 10.17 -6.34
C THR B 69 -9.15 11.51 -6.70
N ILE B 70 -7.84 11.62 -6.53
CA ILE B 70 -7.12 12.84 -6.81
C ILE B 70 -6.30 12.67 -8.08
N SER B 71 -6.26 13.71 -8.91
CA SER B 71 -5.53 13.68 -10.16
C SER B 71 -5.06 15.09 -10.48
N ARG B 72 -4.18 15.20 -11.47
CA ARG B 72 -3.70 16.51 -11.86
C ARG B 72 -3.36 16.53 -13.34
N ASP B 73 -3.48 17.73 -13.93
CA ASP B 73 -3.06 17.99 -15.31
C ASP B 73 -2.00 19.08 -15.24
N ASN B 74 -0.74 18.67 -15.39
CA ASN B 74 0.38 19.61 -15.30
C ASN B 74 0.37 20.66 -16.40
N PRO B 75 0.18 20.33 -17.69
CA PRO B 75 0.17 21.39 -18.70
C PRO B 75 -0.91 22.43 -18.49
N LYS B 76 -2.07 22.04 -17.96
CA LYS B 76 -3.13 22.99 -17.65
C LYS B 76 -3.03 23.56 -16.24
N ASN B 77 -2.03 23.13 -15.47
CA ASN B 77 -1.82 23.62 -14.11
C ASN B 77 -3.06 23.45 -13.25
N THR B 78 -3.70 22.27 -13.35
CA THR B 78 -4.98 22.05 -12.71
C THR B 78 -4.92 20.81 -11.85
N LEU B 79 -5.67 20.82 -10.75
CA LEU B 79 -5.76 19.70 -9.82
C LEU B 79 -7.23 19.32 -9.63
N TYR B 80 -7.54 18.04 -9.77
CA TYR B 80 -8.92 17.57 -9.74
C TYR B 80 -9.13 16.60 -8.60
N LEU B 81 -10.27 16.72 -7.92
CA LEU B 81 -10.68 15.81 -6.86
C LEU B 81 -12.09 15.32 -7.15
N GLN B 82 -12.24 14.02 -7.35
CA GLN B 82 -13.52 13.41 -7.66
C GLN B 82 -14.05 12.71 -6.41
N MET B 83 -15.25 13.07 -6.00
CA MET B 83 -15.87 12.53 -4.79
C MET B 83 -17.04 11.65 -5.18
N ASN B 84 -17.03 10.41 -4.71
CA ASN B 84 -18.06 9.42 -4.99
C ASN B 84 -18.69 8.96 -3.68
N SER B 85 -19.97 8.61 -3.74
CA SER B 85 -20.71 8.11 -2.59
C SER B 85 -20.66 9.10 -1.43
N LEU B 86 -20.95 10.36 -1.74
CA LEU B 86 -20.94 11.41 -0.73
C LEU B 86 -21.97 11.11 0.37
N ARG B 87 -21.57 11.40 1.61
CA ARG B 87 -22.41 11.21 2.77
C ARG B 87 -22.57 12.55 3.48
N SER B 88 -23.51 12.60 4.43
CA SER B 88 -23.80 13.84 5.14
C SER B 88 -22.61 14.37 5.92
N GLU B 89 -21.64 13.51 6.23
CA GLU B 89 -20.45 13.93 6.96
C GLU B 89 -19.44 14.69 6.10
N ASP B 90 -19.65 14.74 4.79
CA ASP B 90 -18.69 15.35 3.89
C ASP B 90 -18.94 16.83 3.64
N THR B 91 -19.91 17.44 4.32
CA THR B 91 -20.17 18.86 4.17
C THR B 91 -19.01 19.65 4.79
N ALA B 92 -18.26 20.37 3.96
CA ALA B 92 -17.11 21.11 4.44
C ALA B 92 -16.65 22.07 3.35
N MET B 93 -15.75 22.97 3.73
CA MET B 93 -15.08 23.85 2.79
C MET B 93 -13.73 23.26 2.43
N TYR B 94 -13.47 23.12 1.14
CA TYR B 94 -12.26 22.45 0.65
C TYR B 94 -11.25 23.47 0.14
N TYR B 95 -10.00 23.29 0.54
CA TYR B 95 -8.88 24.09 0.06
C TYR B 95 -7.87 23.18 -0.63
N CYS B 96 -7.22 23.71 -1.66
CA CYS B 96 -6.10 23.03 -2.30
C CYS B 96 -4.82 23.74 -1.88
N ALA B 97 -3.88 22.97 -1.34
CA ALA B 97 -2.65 23.51 -0.77
C ALA B 97 -1.45 22.95 -1.50
N ARG B 98 -0.36 23.70 -1.45
CA ARG B 98 0.88 23.34 -2.13
C ARG B 98 1.87 22.79 -1.13
N ARG B 99 2.45 21.64 -1.43
CA ARG B 99 3.50 21.07 -0.60
C ARG B 99 4.86 21.49 -1.17
N PRO B 100 5.65 22.27 -0.45
CA PRO B 100 6.91 22.78 -1.01
C PRO B 100 7.90 21.66 -1.28
N LEU B 101 8.97 22.02 -1.97
CA LEU B 101 9.93 21.03 -2.46
C LEU B 101 10.69 20.41 -1.31
N TYR B 102 10.66 19.07 -1.24
CA TYR B 102 11.52 18.28 -0.37
C TYR B 102 11.42 18.73 1.09
N ASP B 103 10.22 18.52 1.64
CA ASP B 103 10.03 18.83 3.05
C ASP B 103 10.80 17.89 3.96
N GLY B 104 11.42 16.83 3.42
CA GLY B 104 12.30 16.00 4.22
C GLY B 104 13.62 16.65 4.52
N ASP B 105 14.07 17.59 3.71
CA ASP B 105 15.31 18.33 3.91
C ASP B 105 15.09 19.76 4.37
N TYR B 106 14.34 20.54 3.59
CA TYR B 106 14.09 21.93 3.96
C TYR B 106 13.05 22.03 5.07
N GLY B 107 12.05 21.16 5.04
CA GLY B 107 11.08 21.07 6.12
C GLY B 107 9.93 22.05 6.03
N TYR B 108 9.78 22.76 4.93
CA TYR B 108 8.80 23.82 4.84
C TYR B 108 7.44 23.21 4.54
N PRO B 109 6.45 23.34 5.43
CA PRO B 109 5.19 22.61 5.23
C PRO B 109 4.22 23.32 4.29
N MET B 110 3.01 22.79 4.17
CA MET B 110 1.96 23.37 3.34
C MET B 110 1.84 24.87 3.59
N ASP B 111 2.17 25.67 2.59
CA ASP B 111 2.35 27.10 2.79
C ASP B 111 1.28 27.94 2.11
N TYR B 112 0.94 27.64 0.86
CA TYR B 112 -0.02 28.42 0.10
C TYR B 112 -1.33 27.65 0.04
N TRP B 113 -2.41 28.30 0.47
CA TRP B 113 -3.74 27.71 0.46
C TRP B 113 -4.67 28.56 -0.39
N GLY B 114 -5.58 27.89 -1.08
CA GLY B 114 -6.56 28.58 -1.89
C GLY B 114 -7.70 29.13 -1.05
N GLN B 115 -8.56 29.90 -1.71
CA GLN B 115 -9.70 30.50 -1.03
C GLN B 115 -10.67 29.44 -0.51
N GLY B 116 -10.77 28.32 -1.22
CA GLY B 116 -11.64 27.24 -0.79
C GLY B 116 -13.05 27.36 -1.31
N THR B 117 -13.73 26.22 -1.48
CA THR B 117 -15.11 26.20 -1.94
C THR B 117 -15.92 25.29 -1.03
N SER B 118 -17.15 25.72 -0.72
CA SER B 118 -17.99 25.00 0.22
C SER B 118 -18.79 23.93 -0.53
N VAL B 119 -18.53 22.67 -0.19
CA VAL B 119 -19.29 21.54 -0.72
C VAL B 119 -20.23 21.07 0.37
N THR B 120 -21.52 21.05 0.05
CA THR B 120 -22.56 20.66 0.99
C THR B 120 -23.37 19.50 0.40
N VAL B 121 -23.84 18.63 1.29
CA VAL B 121 -24.64 17.47 0.91
C VAL B 121 -25.91 17.47 1.76
N SER B 122 -27.06 17.30 1.10
CA SER B 122 -28.34 17.27 1.78
C SER B 122 -29.40 16.83 0.79
N SER B 123 -30.46 16.21 1.29
CA SER B 123 -31.57 15.81 0.45
C SER B 123 -32.40 17.00 0.00
N ALA B 124 -32.32 18.13 0.71
CA ALA B 124 -33.10 19.29 0.34
C ALA B 124 -32.56 19.93 -0.93
N SER B 125 -33.41 20.70 -1.59
CA SER B 125 -33.05 21.37 -2.83
C SER B 125 -32.68 22.83 -2.57
N THR B 126 -32.03 23.44 -3.57
CA THR B 126 -31.64 24.83 -3.46
C THR B 126 -32.84 25.76 -3.58
N LYS B 127 -32.72 26.94 -3.01
CA LYS B 127 -33.77 27.95 -3.07
C LYS B 127 -33.13 29.33 -3.09
N GLY B 128 -33.63 30.20 -3.98
CA GLY B 128 -33.14 31.55 -4.08
C GLY B 128 -33.51 32.39 -2.89
N PRO B 129 -32.55 33.18 -2.39
CA PRO B 129 -32.82 34.01 -1.21
C PRO B 129 -33.78 35.14 -1.53
N SER B 130 -34.49 35.58 -0.49
CA SER B 130 -35.38 36.74 -0.59
C SER B 130 -34.79 37.88 0.23
N VAL B 131 -34.62 39.03 -0.41
CA VAL B 131 -33.93 40.17 0.18
C VAL B 131 -34.96 41.21 0.59
N PHE B 132 -34.83 41.72 1.82
CA PHE B 132 -35.75 42.70 2.35
C PHE B 132 -34.95 43.84 2.98
N PRO B 133 -35.22 45.08 2.63
CA PRO B 133 -34.50 46.20 3.25
C PRO B 133 -35.00 46.48 4.65
N LEU B 134 -34.20 47.25 5.38
CA LEU B 134 -34.55 47.69 6.73
C LEU B 134 -34.48 49.20 6.77
N ALA B 135 -35.60 49.84 7.10
CA ALA B 135 -35.65 51.29 7.15
C ALA B 135 -34.93 51.80 8.40
N PRO B 136 -33.92 52.67 8.26
CA PRO B 136 -33.16 53.28 9.35
C PRO B 136 -34.05 53.84 10.46
N ALA B 146 -26.72 56.45 12.77
CA ALA B 146 -27.74 55.87 11.92
C ALA B 146 -27.25 54.59 11.27
N ALA B 147 -28.04 53.52 11.37
CA ALA B 147 -27.69 52.22 10.83
C ALA B 147 -28.81 51.73 9.92
N LEU B 148 -28.42 51.07 8.84
CA LEU B 148 -29.40 50.49 7.91
C LEU B 148 -28.80 49.23 7.31
N GLY B 149 -29.68 48.34 6.86
CA GLY B 149 -29.19 47.07 6.35
C GLY B 149 -30.23 46.36 5.50
N CYS B 150 -29.86 45.17 5.07
CA CYS B 150 -30.76 44.29 4.33
C CYS B 150 -30.65 42.88 4.88
N LEU B 151 -31.77 42.16 4.85
CA LEU B 151 -31.90 40.86 5.48
C LEU B 151 -32.38 39.85 4.44
N VAL B 152 -31.70 38.71 4.39
CA VAL B 152 -31.99 37.66 3.41
C VAL B 152 -32.59 36.47 4.14
N LYS B 153 -33.72 35.98 3.62
CA LYS B 153 -34.45 34.84 4.16
C LYS B 153 -34.52 33.73 3.13
N ASP B 154 -34.66 32.50 3.66
CA ASP B 154 -35.12 31.35 2.90
C ASP B 154 -34.22 31.06 1.69
N TYR B 155 -32.99 30.67 2.00
CA TYR B 155 -32.06 30.20 0.98
C TYR B 155 -31.37 28.94 1.46
N PHE B 156 -30.84 28.17 0.50
CA PHE B 156 -30.16 26.93 0.81
C PHE B 156 -29.24 26.55 -0.34
N PRO B 157 -27.98 26.18 -0.07
CA PRO B 157 -27.31 26.13 1.23
C PRO B 157 -26.90 27.52 1.70
N GLU B 158 -25.95 27.60 2.64
CA GLU B 158 -25.65 28.93 3.14
C GLU B 158 -24.19 29.35 2.96
N PRO B 159 -23.56 29.04 1.83
CA PRO B 159 -22.58 29.98 1.27
C PRO B 159 -23.31 31.16 0.65
N VAL B 160 -23.01 32.36 1.14
CA VAL B 160 -23.66 33.56 0.62
C VAL B 160 -22.74 34.74 0.88
N THR B 161 -22.64 35.63 -0.10
CA THR B 161 -21.78 36.80 -0.02
C THR B 161 -22.64 38.05 -0.07
N VAL B 162 -22.53 38.89 0.95
CA VAL B 162 -23.25 40.15 1.01
C VAL B 162 -22.23 41.28 1.05
N SER B 163 -22.32 42.19 0.09
CA SER B 163 -21.47 43.36 0.02
C SER B 163 -22.35 44.60 -0.03
N TRP B 164 -21.72 45.77 0.05
CA TRP B 164 -22.45 47.03 0.02
C TRP B 164 -21.86 47.93 -1.06
N ASN B 165 -22.72 48.39 -1.97
CA ASN B 165 -22.31 49.24 -3.08
C ASN B 165 -21.21 48.57 -3.90
N SER B 166 -21.36 47.27 -4.14
CA SER B 166 -20.37 46.47 -4.87
C SER B 166 -18.99 46.58 -4.22
N GLY B 167 -18.95 46.53 -2.88
CA GLY B 167 -17.70 46.61 -2.16
C GLY B 167 -17.10 48.00 -2.07
N ALA B 168 -17.85 49.04 -2.45
CA ALA B 168 -17.31 50.39 -2.39
C ALA B 168 -17.00 50.80 -0.95
N LEU B 169 -17.88 50.47 -0.02
CA LEU B 169 -17.69 50.79 1.39
C LEU B 169 -17.55 49.51 2.19
N THR B 170 -16.55 49.47 3.06
CA THR B 170 -16.32 48.33 3.94
C THR B 170 -16.12 48.72 5.39
N SER B 171 -16.22 50.00 5.72
CA SER B 171 -16.10 50.47 7.10
C SER B 171 -17.48 50.51 7.74
N GLY B 172 -17.63 49.86 8.89
CA GLY B 172 -18.91 49.78 9.54
C GLY B 172 -19.81 48.67 9.04
N VAL B 173 -19.31 47.80 8.17
CA VAL B 173 -20.10 46.70 7.64
C VAL B 173 -20.09 45.56 8.64
N HIS B 174 -21.28 45.09 9.02
CA HIS B 174 -21.43 43.93 9.89
C HIS B 174 -22.32 42.93 9.19
N THR B 175 -21.76 41.76 8.87
CA THR B 175 -22.50 40.64 8.33
C THR B 175 -22.51 39.52 9.35
N PHE B 176 -23.65 38.88 9.50
CA PHE B 176 -23.81 37.94 10.60
C PHE B 176 -23.82 36.51 10.08
N PRO B 177 -23.31 35.56 10.86
CA PRO B 177 -23.31 34.16 10.41
C PRO B 177 -24.73 33.68 10.14
N ALA B 178 -24.89 32.92 9.07
CA ALA B 178 -26.20 32.39 8.71
C ALA B 178 -26.69 31.44 9.80
N VAL B 179 -27.94 31.64 10.23
CA VAL B 179 -28.53 30.87 11.31
C VAL B 179 -29.61 29.97 10.73
N LEU B 180 -29.64 28.72 11.18
CA LEU B 180 -30.64 27.77 10.74
C LEU B 180 -32.00 28.12 11.33
N GLN B 181 -33.02 28.13 10.50
CA GLN B 181 -34.39 28.34 10.94
C GLN B 181 -35.08 27.01 11.22
N SER B 182 -36.27 27.10 11.82
CA SER B 182 -37.08 25.93 12.07
C SER B 182 -37.60 25.31 10.78
N SER B 183 -37.63 26.05 9.69
CA SER B 183 -38.17 25.57 8.42
C SER B 183 -37.14 24.83 7.58
N GLY B 184 -35.93 24.62 8.08
CA GLY B 184 -34.89 23.95 7.32
C GLY B 184 -34.12 24.83 6.37
N LEU B 185 -34.30 26.15 6.45
CA LEU B 185 -33.63 27.10 5.57
C LEU B 185 -32.63 27.92 6.37
N TYR B 186 -32.04 28.93 5.72
CA TYR B 186 -31.07 29.80 6.34
C TYR B 186 -31.46 31.26 6.12
N SER B 187 -30.95 32.13 6.98
CA SER B 187 -31.22 33.55 6.88
C SER B 187 -30.14 34.32 7.62
N LEU B 188 -29.90 35.56 7.17
CA LEU B 188 -28.96 36.42 7.88
C LEU B 188 -29.22 37.86 7.46
N SER B 189 -28.77 38.79 8.30
CA SER B 189 -28.92 40.22 8.05
C SER B 189 -27.55 40.87 8.02
N SER B 190 -27.36 41.81 7.11
CA SER B 190 -26.12 42.57 7.00
C SER B 190 -26.44 44.05 7.07
N VAL B 191 -25.72 44.77 7.92
CA VAL B 191 -26.03 46.16 8.24
C VAL B 191 -24.78 47.00 8.17
N VAL B 192 -24.98 48.32 8.16
CA VAL B 192 -23.90 49.30 8.02
C VAL B 192 -24.34 50.55 8.76
N THR B 193 -23.39 51.19 9.45
CA THR B 193 -23.65 52.45 10.14
C THR B 193 -23.22 53.61 9.25
N VAL B 194 -24.13 54.56 9.06
CA VAL B 194 -23.90 55.70 8.16
C VAL B 194 -24.23 57.00 8.88
N PRO B 195 -23.63 58.14 8.50
CA PRO B 195 -23.95 59.43 9.08
C PRO B 195 -25.37 59.89 8.74
N THR B 203 -27.01 57.42 -1.85
CA THR B 203 -27.76 56.17 -1.97
C THR B 203 -26.91 54.97 -1.57
N TYR B 204 -27.53 53.99 -0.93
CA TYR B 204 -26.86 52.79 -0.46
C TYR B 204 -27.54 51.57 -1.04
N ILE B 205 -26.75 50.68 -1.64
CA ILE B 205 -27.26 49.46 -2.27
C ILE B 205 -26.44 48.29 -1.75
N CYS B 206 -27.12 47.22 -1.35
CA CYS B 206 -26.46 46.00 -0.90
C CYS B 206 -26.63 44.90 -1.94
N ASN B 207 -25.54 44.16 -2.16
CA ASN B 207 -25.45 43.17 -3.21
C ASN B 207 -25.38 41.79 -2.58
N VAL B 208 -26.29 40.91 -2.97
CA VAL B 208 -26.38 39.57 -2.39
C VAL B 208 -26.09 38.55 -3.49
N ASN B 209 -25.18 37.63 -3.22
CA ASN B 209 -24.81 36.58 -4.17
C ASN B 209 -24.93 35.23 -3.49
N HIS B 210 -25.72 34.35 -4.10
CA HIS B 210 -25.89 32.96 -3.68
C HIS B 210 -25.49 32.10 -4.87
N LYS B 211 -24.26 31.57 -4.83
CA LYS B 211 -23.73 30.84 -5.98
C LYS B 211 -24.52 29.57 -6.32
N PRO B 212 -24.88 28.69 -5.37
CA PRO B 212 -25.60 27.47 -5.77
C PRO B 212 -26.90 27.75 -6.50
N SER B 213 -27.61 28.83 -6.17
CA SER B 213 -28.77 29.26 -6.92
C SER B 213 -28.42 30.23 -8.04
N ASN B 214 -27.16 30.64 -8.14
CA ASN B 214 -26.71 31.62 -9.14
C ASN B 214 -27.58 32.88 -9.06
N THR B 215 -27.84 33.33 -7.84
CA THR B 215 -28.76 34.44 -7.58
C THR B 215 -27.94 35.66 -7.16
N LYS B 216 -27.96 36.69 -8.00
CA LYS B 216 -27.30 37.96 -7.71
C LYS B 216 -28.36 39.05 -7.68
N VAL B 217 -28.63 39.59 -6.50
CA VAL B 217 -29.72 40.53 -6.28
C VAL B 217 -29.15 41.83 -5.73
N ASP B 218 -29.58 42.95 -6.32
CA ASP B 218 -29.12 44.27 -5.93
C ASP B 218 -30.28 45.00 -5.27
N LYS B 219 -30.20 45.20 -3.96
CA LYS B 219 -31.27 45.83 -3.18
C LYS B 219 -30.91 47.26 -2.81
N LYS B 220 -31.80 48.19 -3.13
CA LYS B 220 -31.72 49.55 -2.65
C LYS B 220 -32.47 49.67 -1.34
N VAL B 221 -31.82 50.23 -0.33
CA VAL B 221 -32.38 50.36 1.01
C VAL B 221 -32.78 51.81 1.23
N GLU B 222 -34.07 52.04 1.49
CA GLU B 222 -34.61 53.36 1.70
C GLU B 222 -35.60 53.32 2.85
N PRO B 223 -35.80 54.43 3.56
CA PRO B 223 -36.79 54.52 4.64
C PRO B 223 -38.22 54.28 4.15
N ASN C 1 -0.77 7.85 10.60
CA ASN C 1 -1.64 8.88 11.15
C ASN C 1 -1.36 9.09 12.63
N ILE C 2 -1.15 10.34 13.01
CA ILE C 2 -0.85 10.72 14.39
C ILE C 2 -1.86 11.77 14.82
N MET C 3 -2.61 11.48 15.87
CA MET C 3 -3.57 12.44 16.39
C MET C 3 -2.86 13.51 17.21
N LEU C 4 -3.48 14.70 17.25
CA LEU C 4 -2.99 15.82 18.04
C LEU C 4 -4.14 16.38 18.84
N THR C 5 -3.89 16.69 20.11
CA THR C 5 -4.92 17.25 20.99
C THR C 5 -4.47 18.63 21.46
N GLN C 6 -5.26 19.65 21.14
CA GLN C 6 -4.92 21.03 21.45
C GLN C 6 -5.65 21.49 22.70
N SER C 7 -4.94 22.20 23.57
CA SER C 7 -5.49 22.75 24.79
C SER C 7 -4.95 24.16 25.01
N PRO C 8 -5.75 25.06 25.59
CA PRO C 8 -7.17 24.84 25.89
C PRO C 8 -8.02 25.00 24.63
N SER C 9 -9.27 24.55 24.67
CA SER C 9 -10.14 24.67 23.50
C SER C 9 -10.35 26.14 23.13
N SER C 10 -10.57 26.99 24.12
CA SER C 10 -10.70 28.42 23.88
C SER C 10 -10.16 29.16 25.09
N LEU C 11 -9.46 30.27 24.82
CA LEU C 11 -8.96 31.12 25.89
C LEU C 11 -9.21 32.57 25.52
N ALA C 12 -9.42 33.39 26.55
CA ALA C 12 -9.67 34.82 26.39
C ALA C 12 -8.56 35.58 27.11
N VAL C 13 -8.04 36.61 26.46
CA VAL C 13 -6.91 37.37 27.00
C VAL C 13 -7.00 38.80 26.48
N SER C 14 -6.51 39.74 27.30
CA SER C 14 -6.42 41.12 26.88
C SER C 14 -5.21 41.33 25.98
N ALA C 15 -5.10 42.54 25.45
CA ALA C 15 -3.97 42.88 24.59
C ALA C 15 -2.78 43.33 25.42
N GLY C 16 -1.58 42.95 24.98
CA GLY C 16 -0.35 43.42 25.57
C GLY C 16 0.38 42.40 26.43
N GLU C 17 -0.25 41.31 26.82
CA GLU C 17 0.38 40.31 27.65
C GLU C 17 0.62 39.01 26.88
N ARG C 18 1.09 38.00 27.59
CA ARG C 18 1.60 36.77 27.00
C ARG C 18 0.58 35.65 27.11
N VAL C 19 0.51 34.83 26.07
CA VAL C 19 -0.32 33.62 26.07
C VAL C 19 0.53 32.44 25.62
N THR C 20 0.14 31.25 26.07
CA THR C 20 0.82 30.02 25.71
C THR C 20 -0.22 28.92 25.57
N MET C 21 -0.33 28.36 24.37
CA MET C 21 -1.29 27.31 24.07
C MET C 21 -0.56 26.04 23.67
N SER C 22 -0.94 24.92 24.24
CA SER C 22 -0.20 23.68 24.08
C SER C 22 -0.96 22.69 23.22
N CYS C 23 -0.23 21.69 22.72
CA CYS C 23 -0.88 20.52 22.14
C CYS C 23 -0.01 19.30 22.34
N LYS C 24 -0.67 18.19 22.59
CA LYS C 24 -0.06 16.91 22.90
C LYS C 24 -0.14 16.00 21.68
N SER C 25 0.96 15.30 21.40
CA SER C 25 1.04 14.35 20.30
C SER C 25 0.92 12.94 20.84
N THR C 26 0.32 12.06 20.04
CA THR C 26 0.18 10.67 20.45
C THR C 26 1.54 9.98 20.54
N GLN C 27 2.47 10.34 19.66
CA GLN C 27 3.78 9.73 19.63
C GLN C 27 4.79 10.78 19.19
N SER C 28 6.06 10.53 19.55
CA SER C 28 7.10 11.48 19.21
C SER C 28 7.26 11.57 17.69
N ILE C 29 7.37 12.81 17.19
CA ILE C 29 7.40 13.05 15.75
C ILE C 29 8.75 13.62 15.35
N LEU C 30 9.79 13.19 16.06
CA LEU C 30 11.15 13.62 15.74
C LEU C 30 11.71 12.75 14.62
N TYR C 31 12.11 13.38 13.52
CA TYR C 31 12.68 12.65 12.40
C TYR C 31 14.11 12.25 12.72
N ASN C 32 14.44 10.98 12.48
CA ASN C 32 15.74 10.45 12.89
C ASN C 32 16.87 11.04 12.05
N SER C 33 16.65 11.18 10.74
CA SER C 33 17.74 11.57 9.85
C SER C 33 18.23 12.98 10.14
N ASN C 34 17.32 13.93 10.33
CA ASN C 34 17.69 15.32 10.55
C ASN C 34 17.67 15.75 12.01
N GLN C 35 17.14 14.90 12.90
CA GLN C 35 16.96 15.25 14.31
C GLN C 35 16.13 16.53 14.46
N LYS C 36 15.19 16.73 13.55
CA LYS C 36 14.31 17.90 13.56
C LYS C 36 12.89 17.43 13.83
N THR C 37 12.20 18.13 14.73
CA THR C 37 10.82 17.79 15.05
C THR C 37 9.89 18.36 13.99
N TYR C 38 9.03 17.51 13.46
CA TYR C 38 8.18 17.87 12.31
C TYR C 38 6.79 18.24 12.82
N LEU C 39 6.63 19.53 13.14
CA LEU C 39 5.36 20.06 13.57
C LEU C 39 5.31 21.54 13.19
N ALA C 40 4.12 22.01 12.85
CA ALA C 40 3.92 23.38 12.42
C ALA C 40 2.76 24.00 13.19
N TRP C 41 2.78 25.32 13.26
CA TRP C 41 1.70 26.10 13.85
C TRP C 41 1.11 27.01 12.79
N TYR C 42 -0.21 26.91 12.62
CA TYR C 42 -0.97 27.57 11.57
C TYR C 42 -1.97 28.53 12.21
N GLN C 43 -2.08 29.73 11.66
CA GLN C 43 -3.04 30.72 12.11
C GLN C 43 -4.12 30.93 11.05
N GLN C 44 -5.37 30.73 11.45
CA GLN C 44 -6.51 30.93 10.56
C GLN C 44 -7.38 32.05 11.15
N LYS C 45 -7.37 33.19 10.49
CA LYS C 45 -8.26 34.26 10.90
C LYS C 45 -9.68 33.97 10.42
N PRO C 46 -10.69 34.48 11.13
CA PRO C 46 -12.08 34.15 10.75
C PRO C 46 -12.38 34.56 9.32
N GLY C 47 -12.96 33.62 8.56
CA GLY C 47 -13.27 33.85 7.18
C GLY C 47 -12.07 33.93 6.26
N GLN C 48 -10.95 33.31 6.64
CA GLN C 48 -9.73 33.36 5.84
C GLN C 48 -9.10 31.98 5.79
N SER C 49 -8.30 31.76 4.76
CA SER C 49 -7.56 30.51 4.64
C SER C 49 -6.46 30.45 5.68
N PRO C 50 -6.09 29.26 6.14
CA PRO C 50 -5.02 29.14 7.13
C PRO C 50 -3.71 29.72 6.63
N LYS C 51 -2.98 30.36 7.53
CA LYS C 51 -1.70 30.99 7.22
C LYS C 51 -0.62 30.36 8.08
N LEU C 52 0.47 29.94 7.44
CA LEU C 52 1.54 29.27 8.16
C LEU C 52 2.29 30.24 9.06
N LEU C 53 2.52 29.83 10.30
CA LEU C 53 3.24 30.65 11.27
C LEU C 53 4.60 30.08 11.64
N ILE C 54 4.66 28.81 12.04
CA ILE C 54 5.89 28.23 12.57
C ILE C 54 6.08 26.84 11.97
N TYR C 55 7.33 26.51 11.62
CA TYR C 55 7.66 25.18 11.13
C TYR C 55 8.88 24.64 11.86
N TRP C 56 9.00 23.32 11.88
CA TRP C 56 9.88 22.57 12.77
C TRP C 56 9.63 22.85 14.24
N ALA C 57 8.49 23.47 14.55
CA ALA C 57 8.05 23.75 15.91
C ALA C 57 8.95 24.77 16.60
N SER C 58 10.01 25.18 15.95
CA SER C 58 10.88 26.22 16.51
C SER C 58 11.21 27.32 15.52
N THR C 59 11.40 26.98 14.24
CA THR C 59 11.75 27.97 13.24
C THR C 59 10.55 28.87 12.95
N ARG C 60 10.83 30.12 12.62
CA ARG C 60 9.80 31.10 12.34
C ARG C 60 9.68 31.31 10.83
N ALA C 61 8.45 31.24 10.33
CA ALA C 61 8.22 31.41 8.90
C ALA C 61 8.47 32.87 8.49
N SER C 62 8.63 33.06 7.18
CA SER C 62 8.93 34.39 6.65
C SER C 62 7.76 35.33 6.87
N GLY C 63 8.06 36.53 7.37
CA GLY C 63 7.05 37.54 7.60
C GLY C 63 6.27 37.41 8.88
N VAL C 64 6.48 36.35 9.64
CA VAL C 64 5.75 36.16 10.90
C VAL C 64 6.32 37.12 11.94
N PRO C 65 5.48 37.85 12.69
CA PRO C 65 6.00 38.77 13.70
C PRO C 65 6.83 38.02 14.75
N ASP C 66 7.81 38.74 15.31
CA ASP C 66 8.70 38.12 16.28
C ASP C 66 7.98 37.70 17.55
N ARG C 67 6.78 38.23 17.80
CA ARG C 67 6.05 37.87 19.02
C ARG C 67 5.60 36.42 19.03
N PHE C 68 5.61 35.74 17.88
CA PHE C 68 5.25 34.33 17.81
C PHE C 68 6.48 33.47 18.03
N THR C 69 6.42 32.55 18.99
CA THR C 69 7.51 31.61 19.18
C THR C 69 6.93 30.23 19.45
N GLY C 70 7.67 29.21 19.05
CA GLY C 70 7.26 27.82 19.23
C GLY C 70 8.31 27.07 20.00
N SER C 71 7.87 26.21 20.92
CA SER C 71 8.78 25.42 21.73
C SER C 71 8.13 24.08 22.03
N GLY C 72 8.84 23.25 22.77
CA GLY C 72 8.35 21.94 23.15
C GLY C 72 9.17 20.84 22.50
N SER C 73 8.87 19.61 22.93
CA SER C 73 9.63 18.44 22.50
C SER C 73 8.85 17.20 22.92
N GLY C 74 9.48 16.05 22.70
CA GLY C 74 8.87 14.78 23.06
C GLY C 74 7.52 14.60 22.39
N THR C 75 6.46 14.70 23.17
CA THR C 75 5.09 14.59 22.67
C THR C 75 4.24 15.81 23.00
N ASP C 76 4.83 16.88 23.55
CA ASP C 76 4.07 18.08 23.87
C ASP C 76 4.78 19.33 23.35
N PHE C 77 4.00 20.24 22.78
CA PHE C 77 4.54 21.45 22.17
C PHE C 77 3.69 22.63 22.59
N THR C 78 4.28 23.82 22.54
CA THR C 78 3.61 25.05 22.94
C THR C 78 3.88 26.16 21.95
N LEU C 79 2.87 27.01 21.74
CA LEU C 79 2.99 28.23 20.97
C LEU C 79 2.76 29.40 21.91
N THR C 80 3.70 30.36 21.90
CA THR C 80 3.69 31.47 22.84
C THR C 80 3.66 32.78 22.08
N ILE C 81 2.78 33.68 22.50
CA ILE C 81 2.67 35.02 21.96
C ILE C 81 3.00 36.00 23.08
N ASN C 82 4.08 36.76 22.92
CA ASN C 82 4.55 37.61 24.00
C ASN C 82 3.64 38.81 24.21
N SER C 83 3.23 39.48 23.13
CA SER C 83 2.40 40.68 23.20
C SER C 83 1.20 40.47 22.28
N VAL C 84 0.11 39.94 22.82
CA VAL C 84 -1.06 39.66 22.01
C VAL C 84 -1.63 40.96 21.46
N GLN C 85 -1.87 40.98 20.18
CA GLN C 85 -2.49 42.10 19.50
C GLN C 85 -3.94 41.78 19.18
N PRO C 86 -4.80 42.79 19.05
CA PRO C 86 -6.20 42.50 18.67
C PRO C 86 -6.31 41.82 17.32
N GLU C 87 -5.41 42.11 16.38
CA GLU C 87 -5.47 41.45 15.08
C GLU C 87 -5.04 40.00 15.17
N ASP C 88 -4.46 39.59 16.28
CA ASP C 88 -4.08 38.20 16.50
C ASP C 88 -5.27 37.30 16.80
N LEU C 89 -6.49 37.83 16.76
CA LEU C 89 -7.69 37.05 17.05
C LEU C 89 -7.92 36.06 15.91
N ALA C 90 -7.72 34.78 16.19
CA ALA C 90 -7.80 33.74 15.17
C ALA C 90 -7.83 32.39 15.87
N VAL C 91 -7.84 31.33 15.07
CA VAL C 91 -7.74 29.95 15.55
C VAL C 91 -6.39 29.41 15.14
N TYR C 92 -5.66 28.88 16.11
CA TYR C 92 -4.34 28.32 15.88
C TYR C 92 -4.41 26.80 15.92
N TYR C 93 -3.86 26.15 14.90
CA TYR C 93 -3.81 24.71 14.80
C TYR C 93 -2.36 24.25 14.78
N CYS C 94 -2.05 23.21 15.55
CA CYS C 94 -0.75 22.56 15.42
C CYS C 94 -0.92 21.34 14.51
N HIS C 95 -0.05 21.23 13.52
CA HIS C 95 -0.20 20.31 12.41
C HIS C 95 1.08 19.51 12.27
N GLN C 96 1.01 18.21 12.49
CA GLN C 96 2.15 17.33 12.32
C GLN C 96 2.17 16.81 10.89
N TYR C 97 3.35 16.74 10.30
CA TYR C 97 3.48 16.33 8.90
C TYR C 97 4.63 15.34 8.74
N LEU C 98 4.75 14.41 9.67
CA LEU C 98 5.75 13.35 9.57
C LEU C 98 5.14 12.10 8.94
N SER C 99 4.15 11.51 9.60
CA SER C 99 3.45 10.34 9.09
C SER C 99 2.04 10.78 8.71
N ALA C 100 1.76 10.83 7.42
CA ALA C 100 0.52 11.38 6.89
C ALA C 100 0.44 12.84 7.35
N TRP C 101 -0.77 13.39 7.47
CA TRP C 101 -0.95 14.77 7.90
C TRP C 101 -2.22 14.87 8.73
N THR C 102 -2.10 15.47 9.91
CA THR C 102 -3.24 15.69 10.78
C THR C 102 -3.16 17.08 11.36
N PHE C 103 -4.31 17.59 11.80
CA PHE C 103 -4.41 18.90 12.40
C PHE C 103 -5.03 18.80 13.78
N GLY C 104 -4.82 19.84 14.58
CA GLY C 104 -5.35 19.85 15.92
C GLY C 104 -6.83 20.23 15.96
N GLY C 105 -7.40 20.13 17.16
CA GLY C 105 -8.79 20.51 17.34
C GLY C 105 -9.02 21.99 17.15
N GLY C 106 -7.96 22.79 17.20
CA GLY C 106 -8.09 24.22 17.01
C GLY C 106 -8.22 24.96 18.33
N THR C 107 -7.38 25.96 18.54
CA THR C 107 -7.44 26.80 19.74
C THR C 107 -7.86 28.19 19.31
N LYS C 108 -9.02 28.64 19.77
CA LYS C 108 -9.55 29.95 19.41
C LYS C 108 -9.08 30.98 20.42
N LEU C 109 -8.51 32.07 19.93
CA LEU C 109 -8.00 33.14 20.79
C LEU C 109 -8.99 34.29 20.80
N GLU C 110 -9.42 34.68 22.01
CA GLU C 110 -10.31 35.81 22.19
C GLU C 110 -9.52 37.02 22.71
N ILE C 111 -10.02 38.21 22.37
CA ILE C 111 -9.39 39.46 22.76
C ILE C 111 -10.27 40.11 23.83
N LYS C 112 -9.68 40.41 24.97
CA LYS C 112 -10.38 41.03 26.09
C LYS C 112 -10.09 42.53 26.11
N ARG C 113 -11.10 43.31 26.45
CA ARG C 113 -10.95 44.75 26.53
C ARG C 113 -11.96 45.29 27.54
N THR C 114 -11.98 46.62 27.68
CA THR C 114 -12.94 47.25 28.57
C THR C 114 -14.35 47.07 28.04
N VAL C 115 -15.32 47.01 28.97
CA VAL C 115 -16.71 46.84 28.58
C VAL C 115 -17.15 48.03 27.72
N ALA C 116 -17.91 47.74 26.68
CA ALA C 116 -18.34 48.76 25.71
C ALA C 116 -19.85 48.91 25.76
N ALA C 117 -20.32 50.14 25.61
CA ALA C 117 -21.75 50.42 25.62
C ALA C 117 -22.36 50.03 24.28
N PRO C 118 -23.33 49.12 24.24
CA PRO C 118 -23.96 48.77 22.97
C PRO C 118 -24.76 49.92 22.40
N SER C 119 -24.80 49.97 21.06
CA SER C 119 -25.69 50.88 20.35
C SER C 119 -26.86 50.07 19.81
N VAL C 120 -28.07 50.38 20.26
CA VAL C 120 -29.24 49.56 20.00
C VAL C 120 -30.07 50.20 18.88
N PHE C 121 -30.45 49.38 17.91
CA PHE C 121 -31.22 49.82 16.76
C PHE C 121 -32.43 48.90 16.58
N ILE C 122 -33.48 49.45 15.99
CA ILE C 122 -34.73 48.74 15.76
C ILE C 122 -35.05 48.75 14.27
N PHE C 123 -35.56 47.62 13.77
CA PHE C 123 -35.90 47.48 12.36
C PHE C 123 -37.24 46.76 12.20
N PRO C 124 -38.29 47.49 11.84
CA PRO C 124 -39.58 46.84 11.58
C PRO C 124 -39.58 46.13 10.24
N PRO C 125 -40.44 45.14 10.05
CA PRO C 125 -40.50 44.44 8.76
C PRO C 125 -40.90 45.38 7.63
N SER C 126 -40.32 45.14 6.46
CA SER C 126 -40.63 45.94 5.28
C SER C 126 -41.97 45.52 4.69
N ASP C 127 -42.56 46.44 3.90
CA ASP C 127 -43.86 46.19 3.32
C ASP C 127 -43.84 44.99 2.37
N GLU C 128 -42.72 44.77 1.67
CA GLU C 128 -42.62 43.62 0.79
C GLU C 128 -42.73 42.31 1.56
N GLN C 129 -42.07 42.24 2.71
CA GLN C 129 -42.17 41.04 3.54
C GLN C 129 -43.60 40.84 4.03
N LEU C 130 -44.27 41.93 4.41
CA LEU C 130 -45.66 41.83 4.84
C LEU C 130 -46.54 41.30 3.70
N LYS C 131 -46.28 41.75 2.48
CA LYS C 131 -46.98 41.19 1.32
C LYS C 131 -46.66 39.72 1.15
N SER C 132 -45.44 39.29 1.48
CA SER C 132 -45.03 37.90 1.32
C SER C 132 -45.75 36.95 2.27
N GLY C 133 -46.47 37.47 3.27
CA GLY C 133 -47.23 36.64 4.18
C GLY C 133 -46.59 36.39 5.53
N THR C 134 -45.40 36.93 5.77
CA THR C 134 -44.74 36.80 7.08
C THR C 134 -44.13 38.14 7.45
N ALA C 135 -43.77 38.27 8.73
CA ALA C 135 -43.14 39.49 9.23
C ALA C 135 -41.95 39.10 10.10
N SER C 136 -40.93 39.95 10.08
CA SER C 136 -39.75 39.77 10.92
C SER C 136 -39.29 41.13 11.41
N VAL C 137 -39.09 41.22 12.72
CA VAL C 137 -38.62 42.45 13.36
C VAL C 137 -37.25 42.19 13.97
N VAL C 138 -36.34 43.15 13.80
CA VAL C 138 -34.94 42.96 14.13
C VAL C 138 -34.54 43.96 15.21
N CYS C 139 -33.86 43.47 16.25
CA CYS C 139 -33.20 44.33 17.23
C CYS C 139 -31.71 44.11 17.12
N LEU C 140 -30.96 45.20 17.03
CA LEU C 140 -29.57 45.19 16.60
C LEU C 140 -28.70 45.86 17.64
N LEU C 141 -27.51 45.29 17.88
CA LEU C 141 -26.55 45.83 18.82
C LEU C 141 -25.22 45.99 18.11
N ASN C 142 -24.72 47.23 18.06
CA ASN C 142 -23.42 47.54 17.50
C ASN C 142 -22.42 47.84 18.61
N ASN C 143 -21.23 47.23 18.52
CA ASN C 143 -20.07 47.59 19.30
C ASN C 143 -20.33 47.47 20.81
N PHE C 144 -20.54 46.22 21.25
CA PHE C 144 -20.70 45.94 22.66
C PHE C 144 -19.71 44.86 23.08
N TYR C 145 -19.31 44.92 24.35
CA TYR C 145 -18.43 43.93 24.94
C TYR C 145 -18.81 43.82 26.41
N PRO C 146 -18.87 42.60 26.99
CA PRO C 146 -18.53 41.32 26.36
C PRO C 146 -19.67 40.71 25.54
N ARG C 147 -19.57 39.39 25.30
CA ARG C 147 -20.55 38.71 24.49
C ARG C 147 -21.92 38.69 25.17
N GLU C 148 -21.95 38.52 26.49
CA GLU C 148 -23.20 38.28 27.20
C GLU C 148 -24.11 39.50 27.11
N ALA C 149 -25.36 39.27 26.71
CA ALA C 149 -26.37 40.32 26.63
C ALA C 149 -27.72 39.64 26.50
N LYS C 150 -28.68 40.04 27.32
CA LYS C 150 -30.00 39.42 27.34
C LYS C 150 -30.99 40.32 26.61
N VAL C 151 -31.78 39.73 25.72
CA VAL C 151 -32.76 40.46 24.93
C VAL C 151 -34.14 39.88 25.20
N GLN C 152 -35.12 40.76 25.45
CA GLN C 152 -36.49 40.37 25.70
C GLN C 152 -37.41 41.10 24.73
N TRP C 153 -38.42 40.39 24.23
CA TRP C 153 -39.32 40.88 23.21
C TRP C 153 -40.67 41.19 23.83
N LYS C 154 -41.23 42.36 23.49
CA LYS C 154 -42.53 42.79 24.01
C LYS C 154 -43.42 43.15 22.82
N VAL C 155 -44.64 42.62 22.83
CA VAL C 155 -45.60 42.90 21.76
C VAL C 155 -46.82 43.62 22.33
N ASN C 163 -39.68 31.60 19.64
CA ASN C 163 -39.66 31.86 18.20
C ASN C 163 -38.78 33.05 17.85
N SER C 164 -37.67 33.18 18.56
CA SER C 164 -36.71 34.26 18.34
C SER C 164 -35.34 33.66 18.03
N GLN C 165 -34.64 34.29 17.08
CA GLN C 165 -33.34 33.80 16.65
C GLN C 165 -32.27 34.83 17.02
N GLU C 166 -31.18 34.34 17.61
CA GLU C 166 -30.08 35.18 18.08
C GLU C 166 -28.84 34.85 17.26
N SER C 167 -28.23 35.88 16.66
CA SER C 167 -27.02 35.69 15.86
C SER C 167 -26.02 36.79 16.19
N VAL C 168 -24.83 36.39 16.62
CA VAL C 168 -23.78 37.32 17.02
C VAL C 168 -22.59 37.16 16.07
N THR C 169 -22.07 38.29 15.58
CA THR C 169 -20.91 38.26 14.72
C THR C 169 -19.66 37.96 15.51
N GLU C 170 -18.60 37.57 14.80
CA GLU C 170 -17.32 37.34 15.46
C GLU C 170 -16.68 38.67 15.85
N GLN C 171 -15.85 38.61 16.88
CA GLN C 171 -15.18 39.80 17.38
C GLN C 171 -14.18 40.31 16.35
N ASP C 172 -14.46 41.47 15.77
CA ASP C 172 -13.61 42.02 14.74
C ASP C 172 -12.25 42.38 15.32
N SER C 173 -11.20 42.20 14.51
CA SER C 173 -9.84 42.40 14.98
C SER C 173 -9.48 43.87 15.12
N LYS C 174 -10.10 44.74 14.32
CA LYS C 174 -9.71 46.15 14.33
C LYS C 174 -10.10 46.83 15.63
N ASP C 175 -11.32 46.62 16.11
CA ASP C 175 -11.84 47.33 17.27
C ASP C 175 -12.15 46.42 18.44
N SER C 176 -12.29 45.12 18.23
CA SER C 176 -12.52 44.13 19.29
C SER C 176 -13.86 44.35 19.99
N THR C 177 -14.91 44.47 19.19
CA THR C 177 -16.27 44.59 19.70
C THR C 177 -17.16 43.54 19.04
N TYR C 178 -18.43 43.53 19.42
CA TYR C 178 -19.41 42.58 18.90
C TYR C 178 -20.63 43.31 18.36
N SER C 179 -21.38 42.58 17.53
CA SER C 179 -22.67 43.03 17.03
C SER C 179 -23.63 41.85 17.12
N LEU C 180 -24.88 42.13 17.49
CA LEU C 180 -25.86 41.09 17.74
C LEU C 180 -27.16 41.41 17.04
N SER C 181 -27.86 40.37 16.57
CA SER C 181 -29.19 40.52 15.99
C SER C 181 -30.13 39.54 16.66
N SER C 182 -31.23 40.06 17.18
CA SER C 182 -32.35 39.25 17.65
C SER C 182 -33.50 39.45 16.69
N THR C 183 -33.91 38.39 16.00
CA THR C 183 -34.96 38.43 15.00
C THR C 183 -36.19 37.70 15.51
N LEU C 184 -37.32 38.38 15.48
CA LEU C 184 -38.61 37.80 15.84
C LEU C 184 -39.44 37.62 14.58
N THR C 185 -39.88 36.38 14.34
CA THR C 185 -40.63 36.03 13.15
C THR C 185 -42.07 35.70 13.53
N LEU C 186 -43.01 36.31 12.82
CA LEU C 186 -44.43 36.11 13.07
C LEU C 186 -45.15 35.95 11.74
N SER C 187 -46.35 35.39 11.80
CA SER C 187 -47.19 35.34 10.62
C SER C 187 -47.77 36.72 10.32
N LYS C 188 -48.37 36.86 9.14
CA LYS C 188 -49.01 38.12 8.79
C LYS C 188 -50.14 38.46 9.76
N ALA C 189 -50.97 37.45 10.10
CA ALA C 189 -52.05 37.69 11.05
C ALA C 189 -51.51 38.03 12.43
N ASP C 190 -50.47 37.32 12.88
CA ASP C 190 -49.90 37.58 14.20
C ASP C 190 -49.32 38.98 14.27
N TYR C 191 -48.63 39.43 13.22
CA TYR C 191 -48.11 40.79 13.22
C TYR C 191 -49.21 41.82 13.14
N GLU C 192 -50.29 41.52 12.40
CA GLU C 192 -51.39 42.47 12.28
C GLU C 192 -52.17 42.62 13.58
N LYS C 193 -52.26 41.55 14.38
CA LYS C 193 -53.05 41.60 15.60
C LYS C 193 -52.48 42.62 16.59
N HIS C 194 -51.17 42.65 16.76
CA HIS C 194 -50.54 43.54 17.73
C HIS C 194 -50.21 44.88 17.09
N LYS C 195 -49.94 45.87 17.96
CA LYS C 195 -49.77 47.25 17.53
C LYS C 195 -48.39 47.83 17.83
N VAL C 196 -47.85 47.59 19.02
CA VAL C 196 -46.55 48.12 19.41
C VAL C 196 -45.58 46.97 19.57
N TYR C 197 -44.35 47.18 19.11
CA TYR C 197 -43.31 46.15 19.17
C TYR C 197 -42.05 46.75 19.75
N ALA C 198 -41.47 46.06 20.74
CA ALA C 198 -40.32 46.61 21.45
C ALA C 198 -39.40 45.47 21.88
N CYS C 199 -38.17 45.83 22.18
CA CYS C 199 -37.22 44.90 22.78
C CYS C 199 -36.41 45.63 23.84
N GLU C 200 -36.21 44.98 24.98
CA GLU C 200 -35.38 45.50 26.05
C GLU C 200 -34.12 44.65 26.17
N VAL C 201 -32.97 45.31 26.28
CA VAL C 201 -31.67 44.65 26.32
C VAL C 201 -31.00 44.97 27.65
N THR C 202 -30.56 43.93 28.34
CA THR C 202 -29.80 44.06 29.57
C THR C 202 -28.36 43.63 29.31
N HIS C 203 -27.42 44.50 29.68
CA HIS C 203 -26.01 44.29 29.42
C HIS C 203 -25.21 44.91 30.55
N GLN C 204 -23.96 44.45 30.71
CA GLN C 204 -23.11 44.97 31.77
C GLN C 204 -22.87 46.47 31.60
N GLY C 205 -22.64 46.92 30.36
CA GLY C 205 -22.40 48.32 30.09
C GLY C 205 -23.66 49.18 30.16
N VAL C 210 -31.90 49.33 28.31
CA VAL C 210 -32.35 50.07 27.14
C VAL C 210 -33.46 49.32 26.42
N THR C 211 -34.56 50.02 26.14
CA THR C 211 -35.70 49.45 25.44
C THR C 211 -35.99 50.28 24.19
N LYS C 212 -36.06 49.60 23.05
CA LYS C 212 -36.36 50.25 21.77
C LYS C 212 -37.73 49.77 21.30
N SER C 213 -38.60 50.72 20.94
CA SER C 213 -39.98 50.43 20.63
C SER C 213 -40.42 51.18 19.39
N PHE C 214 -41.44 50.65 18.72
CA PHE C 214 -42.11 51.36 17.65
C PHE C 214 -43.59 50.97 17.64
N ASN C 215 -44.39 51.81 17.01
CA ASN C 215 -45.82 51.58 16.88
C ASN C 215 -46.17 51.09 15.48
N GLN D 1 2.89 -15.64 34.74
CA GLN D 1 3.77 -16.62 34.11
C GLN D 1 3.97 -16.28 32.63
N VAL D 2 2.87 -16.08 31.92
CA VAL D 2 2.94 -15.73 30.50
C VAL D 2 3.37 -14.28 30.37
N GLN D 3 4.38 -14.04 29.53
CA GLN D 3 4.85 -12.70 29.27
C GLN D 3 5.21 -12.56 27.80
N LEU D 4 4.63 -11.56 27.14
CA LEU D 4 4.92 -11.26 25.74
C LEU D 4 5.60 -9.90 25.70
N VAL D 5 6.81 -9.84 25.14
CA VAL D 5 7.56 -8.59 25.04
C VAL D 5 7.86 -8.34 23.58
N GLU D 6 7.38 -7.22 23.06
CA GLU D 6 7.64 -6.85 21.67
C GLU D 6 8.85 -5.94 21.58
N SER D 7 9.50 -5.98 20.41
CA SER D 7 10.69 -5.19 20.16
C SER D 7 10.81 -4.97 18.66
N GLY D 8 11.66 -4.03 18.28
CA GLY D 8 11.80 -3.67 16.89
C GLY D 8 10.85 -2.57 16.50
N GLY D 9 10.91 -2.23 15.21
CA GLY D 9 10.12 -1.11 14.72
C GLY D 9 10.75 0.21 15.09
N GLY D 10 9.94 1.26 15.06
CA GLY D 10 10.47 2.58 15.27
C GLY D 10 10.02 3.56 14.20
N LEU D 11 10.96 4.10 13.42
CA LEU D 11 10.64 5.05 12.37
C LEU D 11 11.24 4.57 11.07
N VAL D 12 10.42 4.47 10.03
CA VAL D 12 10.86 4.02 8.72
C VAL D 12 10.18 4.84 7.65
N GLN D 13 10.92 5.17 6.60
CA GLN D 13 10.33 5.92 5.51
C GLN D 13 9.40 5.02 4.69
N ALA D 14 8.44 5.65 4.02
CA ALA D 14 7.48 4.90 3.22
C ALA D 14 8.19 4.07 2.18
N GLY D 15 7.78 2.81 2.06
CA GLY D 15 8.43 1.88 1.17
C GLY D 15 9.54 1.07 1.80
N GLY D 16 9.95 1.40 3.01
CA GLY D 16 10.99 0.65 3.70
C GLY D 16 10.50 -0.70 4.18
N SER D 17 11.16 -1.21 5.22
CA SER D 17 10.80 -2.48 5.79
C SER D 17 11.23 -2.51 7.25
N LEU D 18 10.62 -3.42 8.01
CA LEU D 18 10.94 -3.60 9.42
C LEU D 18 10.71 -5.06 9.79
N ARG D 19 11.25 -5.46 10.93
CA ARG D 19 11.02 -6.79 11.46
C ARG D 19 10.69 -6.68 12.94
N LEU D 20 9.40 -6.76 13.27
CA LEU D 20 8.96 -6.74 14.65
C LEU D 20 9.16 -8.13 15.26
N SER D 21 9.75 -8.16 16.45
CA SER D 21 9.97 -9.41 17.17
C SER D 21 9.06 -9.43 18.39
N CYS D 22 8.51 -10.61 18.68
CA CYS D 22 7.75 -10.84 19.90
C CYS D 22 8.42 -12.00 20.62
N ALA D 23 9.13 -11.68 21.69
CA ALA D 23 9.72 -12.70 22.54
C ALA D 23 8.67 -13.17 23.54
N ALA D 24 8.53 -14.48 23.66
CA ALA D 24 7.52 -15.09 24.50
C ALA D 24 8.20 -15.87 25.62
N SER D 25 7.77 -15.65 26.86
CA SER D 25 8.27 -16.38 28.00
C SER D 25 7.11 -16.99 28.76
N GLY D 26 7.30 -18.23 29.22
CA GLY D 26 6.28 -18.95 29.94
C GLY D 26 5.53 -19.98 29.13
N PHE D 27 5.72 -20.01 27.81
CA PHE D 27 5.05 -20.98 26.96
C PHE D 27 5.85 -21.15 25.70
N PRO D 28 5.88 -22.35 25.12
CA PRO D 28 6.55 -22.53 23.83
C PRO D 28 5.84 -21.74 22.74
N VAL D 29 6.63 -21.23 21.81
CA VAL D 29 6.08 -20.44 20.72
C VAL D 29 5.25 -21.29 19.77
N TYR D 30 5.41 -22.61 19.82
CA TYR D 30 4.64 -23.53 18.99
C TYR D 30 3.36 -23.87 19.74
N ARG D 31 2.31 -23.11 19.49
CA ARG D 31 1.03 -23.30 20.16
C ARG D 31 -0.09 -23.08 19.14
N ASP D 32 -1.32 -22.98 19.65
CA ASP D 32 -2.49 -22.95 18.78
C ASP D 32 -2.46 -21.75 17.85
N ARG D 33 -2.11 -20.58 18.38
CA ARG D 33 -2.23 -19.36 17.60
C ARG D 33 -1.40 -18.27 18.24
N MET D 34 -0.61 -17.56 17.44
CA MET D 34 0.04 -16.34 17.87
C MET D 34 -0.18 -15.29 16.80
N ALA D 35 -0.70 -14.14 17.17
CA ALA D 35 -1.17 -13.19 16.19
C ALA D 35 -0.52 -11.83 16.42
N TRP D 36 -0.63 -10.98 15.41
CA TRP D 36 -0.16 -9.61 15.46
C TRP D 36 -1.32 -8.70 15.12
N TYR D 37 -1.61 -7.76 16.02
CA TYR D 37 -2.66 -6.76 15.87
C TYR D 37 -2.02 -5.38 15.78
N ARG D 38 -2.67 -4.49 15.05
CA ARG D 38 -2.24 -3.09 14.99
C ARG D 38 -3.33 -2.23 15.60
N GLN D 39 -2.93 -1.18 16.30
CA GLN D 39 -3.87 -0.20 16.82
C GLN D 39 -3.39 1.18 16.42
N ALA D 40 -4.22 1.89 15.67
CA ALA D 40 -3.89 3.25 15.28
C ALA D 40 -4.34 4.22 16.36
N PRO D 41 -3.74 5.40 16.43
CA PRO D 41 -4.19 6.41 17.40
C PRO D 41 -5.56 6.93 17.02
N GLY D 42 -6.56 6.63 17.84
CA GLY D 42 -7.91 7.09 17.61
C GLY D 42 -8.79 6.14 16.83
N LYS D 43 -8.32 4.93 16.55
CA LYS D 43 -9.12 3.90 15.90
C LYS D 43 -9.26 2.70 16.84
N GLU D 44 -9.85 1.64 16.32
CA GLU D 44 -10.04 0.42 17.11
C GLU D 44 -8.97 -0.60 16.74
N ARG D 45 -8.54 -1.37 17.73
CA ARG D 45 -7.53 -2.39 17.51
C ARG D 45 -8.04 -3.42 16.50
N GLU D 46 -7.21 -3.70 15.50
CA GLU D 46 -7.59 -4.58 14.40
C GLU D 46 -6.52 -5.64 14.18
N TRP D 47 -6.92 -6.72 13.53
CA TRP D 47 -6.09 -7.90 13.35
C TRP D 47 -5.25 -7.77 12.08
N VAL D 48 -3.98 -8.17 12.16
CA VAL D 48 -3.03 -8.02 11.07
C VAL D 48 -2.59 -9.37 10.53
N ALA D 49 -2.05 -10.23 11.39
CA ALA D 49 -1.54 -11.51 10.92
C ALA D 49 -1.67 -12.53 12.02
N ALA D 50 -1.51 -13.80 11.67
CA ALA D 50 -1.52 -14.84 12.68
C ALA D 50 -0.85 -16.09 12.14
N ILE D 51 -0.21 -16.84 13.03
CA ILE D 51 0.40 -18.12 12.72
C ILE D 51 -0.21 -19.18 13.63
N TYR D 52 -0.57 -20.31 13.04
CA TYR D 52 -1.26 -21.38 13.75
C TYR D 52 -0.42 -22.65 13.75
N SER D 53 -0.91 -23.65 14.48
CA SER D 53 -0.29 -24.97 14.50
C SER D 53 -1.13 -26.02 13.78
N ALA D 54 -2.30 -25.68 13.28
CA ALA D 54 -3.13 -26.60 12.54
C ALA D 54 -3.80 -25.85 11.40
N GLY D 55 -4.19 -26.60 10.36
CA GLY D 55 -4.79 -25.98 9.20
C GLY D 55 -3.78 -25.12 8.47
N GLN D 56 -4.28 -24.03 7.87
CA GLN D 56 -3.40 -23.09 7.19
C GLN D 56 -2.41 -22.50 8.19
N GLN D 57 -1.13 -22.52 7.82
CA GLN D 57 -0.09 -22.12 8.75
C GLN D 57 -0.20 -20.64 9.12
N THR D 58 -0.42 -19.78 8.13
CA THR D 58 -0.49 -18.35 8.37
C THR D 58 -1.76 -17.79 7.74
N ARG D 59 -2.35 -16.80 8.41
CA ARG D 59 -3.48 -16.06 7.88
C ARG D 59 -3.19 -14.58 8.02
N TYR D 60 -3.65 -13.80 7.04
CA TYR D 60 -3.37 -12.37 6.99
C TYR D 60 -4.66 -11.60 6.74
N ALA D 61 -4.72 -10.39 7.28
CA ALA D 61 -5.80 -9.50 6.94
C ALA D 61 -5.69 -9.08 5.48
N ASP D 62 -6.84 -8.72 4.91
CA ASP D 62 -6.89 -8.43 3.47
C ASP D 62 -5.97 -7.26 3.12
N SER D 63 -5.93 -6.24 3.98
CA SER D 63 -5.18 -5.03 3.67
C SER D 63 -3.67 -5.21 3.78
N VAL D 64 -3.20 -6.29 4.40
CA VAL D 64 -1.77 -6.49 4.59
C VAL D 64 -1.30 -7.81 3.98
N LYS D 65 -2.10 -8.41 3.11
CA LYS D 65 -1.67 -9.64 2.45
C LYS D 65 -0.57 -9.34 1.44
N GLY D 66 0.51 -10.09 1.51
CA GLY D 66 1.65 -9.87 0.63
C GLY D 66 2.72 -8.96 1.18
N ARG D 67 2.35 -7.74 1.59
CA ARG D 67 3.33 -6.81 2.15
C ARG D 67 3.92 -7.37 3.45
N PHE D 68 3.09 -7.91 4.31
CA PHE D 68 3.53 -8.43 5.60
C PHE D 68 3.69 -9.94 5.53
N THR D 69 4.40 -10.47 6.52
CA THR D 69 4.45 -11.92 6.69
C THR D 69 4.79 -12.22 8.14
N ILE D 70 4.37 -13.39 8.61
CA ILE D 70 4.59 -13.79 10.00
C ILE D 70 5.22 -15.17 10.03
N SER D 71 6.26 -15.32 10.86
CA SER D 71 6.95 -16.59 11.03
C SER D 71 7.28 -16.78 12.50
N ARG D 72 7.72 -17.97 12.85
CA ARG D 72 8.03 -18.28 14.23
C ARG D 72 9.37 -19.02 14.31
N ASP D 73 10.07 -18.80 15.41
CA ASP D 73 11.36 -19.45 15.66
C ASP D 73 11.27 -20.13 17.02
N ASN D 74 11.41 -21.45 17.03
CA ASN D 74 11.31 -22.22 18.27
C ASN D 74 12.56 -22.11 19.12
N ALA D 75 13.74 -22.02 18.48
CA ALA D 75 14.98 -22.01 19.24
C ALA D 75 15.07 -20.78 20.14
N LYS D 76 14.74 -19.61 19.61
CA LYS D 76 14.76 -18.38 20.38
C LYS D 76 13.38 -17.99 20.90
N ASN D 77 12.37 -18.82 20.67
CA ASN D 77 11.02 -18.64 21.22
C ASN D 77 10.45 -17.28 20.84
N THR D 78 10.41 -17.01 19.53
CA THR D 78 10.07 -15.68 19.05
C THR D 78 9.09 -15.79 17.89
N VAL D 79 8.33 -14.72 17.67
CA VAL D 79 7.49 -14.57 16.49
C VAL D 79 7.94 -13.32 15.75
N TYR D 80 8.20 -13.44 14.46
CA TYR D 80 8.69 -12.34 13.64
C TYR D 80 7.60 -11.91 12.66
N LEU D 81 7.32 -10.61 12.63
CA LEU D 81 6.46 -10.00 11.64
C LEU D 81 7.33 -9.12 10.75
N GLN D 82 7.51 -9.56 9.51
CA GLN D 82 8.30 -8.81 8.54
C GLN D 82 7.37 -7.92 7.74
N MET D 83 7.67 -6.63 7.70
CA MET D 83 6.81 -5.63 7.06
C MET D 83 7.57 -5.01 5.90
N ASN D 84 7.05 -5.18 4.69
CA ASN D 84 7.65 -4.64 3.48
C ASN D 84 6.66 -3.72 2.78
N SER D 85 7.21 -2.78 2.00
CA SER D 85 6.41 -1.81 1.26
C SER D 85 5.48 -1.03 2.19
N LEU D 86 6.04 -0.58 3.31
CA LEU D 86 5.24 0.11 4.31
C LEU D 86 4.71 1.43 3.77
N LYS D 87 3.50 1.77 4.20
CA LYS D 87 2.79 2.97 3.81
C LYS D 87 2.41 3.74 5.06
N PRO D 88 2.13 5.05 4.93
CA PRO D 88 1.74 5.82 6.11
C PRO D 88 0.54 5.26 6.83
N GLU D 89 -0.33 4.50 6.15
CA GLU D 89 -1.44 3.84 6.81
C GLU D 89 -0.99 2.86 7.87
N ASP D 90 0.25 2.38 7.79
CA ASP D 90 0.76 1.38 8.73
C ASP D 90 1.28 1.98 10.03
N THR D 91 1.23 3.30 10.17
CA THR D 91 1.62 3.95 11.41
C THR D 91 0.69 3.53 12.53
N ALA D 92 1.19 2.75 13.49
CA ALA D 92 0.36 2.22 14.54
C ALA D 92 1.24 1.54 15.58
N VAL D 93 0.63 1.17 16.70
CA VAL D 93 1.31 0.36 17.71
C VAL D 93 0.92 -1.09 17.48
N TYR D 94 1.91 -1.95 17.32
CA TYR D 94 1.69 -3.36 17.01
C TYR D 94 1.89 -4.19 18.27
N TYR D 95 0.93 -5.07 18.54
CA TYR D 95 0.96 -5.95 19.69
C TYR D 95 0.95 -7.40 19.23
N CYS D 96 1.83 -8.21 19.79
CA CYS D 96 1.73 -9.65 19.62
C CYS D 96 0.80 -10.20 20.70
N ASN D 97 -0.10 -11.08 20.28
CA ASN D 97 -1.25 -11.47 21.09
C ASN D 97 -1.41 -12.97 21.08
N VAL D 98 -1.82 -13.51 22.23
CA VAL D 98 -2.21 -14.92 22.34
C VAL D 98 -3.51 -15.00 23.12
N LYS D 99 -4.24 -16.08 22.90
CA LYS D 99 -5.48 -16.35 23.63
C LYS D 99 -5.27 -17.60 24.47
N ASP D 100 -5.15 -17.41 25.78
CA ASP D 100 -4.97 -18.52 26.71
C ASP D 100 -6.12 -18.48 27.72
N VAL D 101 -6.88 -19.57 27.77
CA VAL D 101 -7.96 -19.70 28.75
C VAL D 101 -7.40 -20.32 30.02
N GLY D 102 -7.67 -19.69 31.16
CA GLY D 102 -7.12 -20.19 32.41
C GLY D 102 -7.73 -21.47 32.89
N HIS D 103 -8.96 -21.41 33.42
CA HIS D 103 -9.66 -22.63 33.81
C HIS D 103 -11.17 -22.63 33.58
N HIS D 104 -11.82 -21.48 33.32
CA HIS D 104 -13.27 -21.39 33.39
C HIS D 104 -13.90 -20.86 32.11
N TYR D 105 -13.21 -20.99 30.97
CA TYR D 105 -13.68 -20.49 29.68
C TYR D 105 -13.96 -18.99 29.73
N GLU D 106 -12.97 -18.24 30.21
CA GLU D 106 -12.98 -16.79 30.24
C GLU D 106 -11.64 -16.25 29.69
N TYR D 107 -11.25 -16.82 28.55
CA TYR D 107 -9.90 -16.72 27.98
C TYR D 107 -9.29 -15.34 28.13
N TYR D 108 -8.12 -15.30 28.77
CA TYR D 108 -7.39 -14.06 28.99
C TYR D 108 -6.62 -13.73 27.72
N ASP D 109 -7.05 -12.69 27.02
CA ASP D 109 -6.38 -12.28 25.79
C ASP D 109 -5.06 -11.61 26.16
N TYR D 110 -3.99 -12.39 26.21
CA TYR D 110 -2.70 -11.88 26.67
C TYR D 110 -2.07 -11.04 25.56
N TRP D 111 -1.80 -9.78 25.87
CA TRP D 111 -1.20 -8.83 24.96
C TRP D 111 0.21 -8.49 25.43
N GLY D 112 0.99 -7.90 24.53
CA GLY D 112 2.29 -7.37 24.86
C GLY D 112 2.27 -5.86 25.06
N GLN D 113 3.45 -5.33 25.37
CA GLN D 113 3.56 -3.88 25.58
C GLN D 113 3.33 -3.11 24.29
N GLY D 114 3.66 -3.71 23.15
CA GLY D 114 3.42 -3.06 21.87
C GLY D 114 4.57 -2.18 21.43
N THR D 115 4.87 -2.19 20.13
CA THR D 115 5.94 -1.39 19.57
C THR D 115 5.37 -0.40 18.57
N GLN D 116 5.87 0.83 18.62
CA GLN D 116 5.41 1.87 17.72
C GLN D 116 6.10 1.74 16.37
N VAL D 117 5.32 1.75 15.29
CA VAL D 117 5.86 1.78 13.94
C VAL D 117 5.30 3.03 13.28
N THR D 118 6.20 3.96 12.96
CA THR D 118 5.84 5.22 12.31
C THR D 118 6.42 5.19 10.91
N VAL D 119 5.57 5.10 9.91
CA VAL D 119 5.99 5.06 8.52
C VAL D 119 5.85 6.48 7.98
N SER D 120 6.95 7.21 8.00
CA SER D 120 6.93 8.60 7.56
C SER D 120 6.72 8.67 6.05
N SER D 121 6.42 9.87 5.58
CA SER D 121 6.25 10.13 4.14
C SER D 121 6.85 11.52 3.88
N LEU D 122 8.14 11.55 3.54
CA LEU D 122 8.88 12.77 3.31
C LEU D 122 9.58 12.71 1.97
N GLU D 123 9.73 13.87 1.35
CA GLU D 123 10.39 13.98 0.06
C GLU D 123 11.84 14.42 0.26
N HIS D 124 12.76 13.75 -0.41
CA HIS D 124 14.19 14.03 -0.27
C HIS D 124 14.77 14.46 -1.61
N HIS D 125 15.86 15.22 -1.54
CA HIS D 125 16.52 15.72 -2.73
C HIS D 125 17.80 14.94 -3.02
N LEU E 29 -2.74 -62.37 18.95
CA LEU E 29 -3.32 -61.49 19.95
C LEU E 29 -3.59 -60.10 19.39
N CYS E 30 -4.48 -59.36 20.03
CA CYS E 30 -4.81 -58.02 19.57
C CYS E 30 -3.65 -57.06 19.86
N PRO E 31 -3.40 -56.09 18.98
CA PRO E 31 -2.28 -55.14 19.17
C PRO E 31 -2.62 -54.02 20.13
N PHE E 32 -2.67 -54.33 21.42
CA PHE E 32 -2.93 -53.30 22.43
C PHE E 32 -1.69 -52.46 22.69
N GLY E 33 -0.50 -52.97 22.36
CA GLY E 33 0.71 -52.17 22.52
C GLY E 33 0.73 -50.98 21.59
N GLU E 34 0.25 -51.16 20.36
CA GLU E 34 0.17 -50.07 19.40
C GLU E 34 -0.80 -48.99 19.86
N VAL E 35 -1.82 -49.36 20.63
CA VAL E 35 -2.85 -48.43 21.06
C VAL E 35 -2.47 -47.72 22.35
N PHE E 36 -2.26 -48.49 23.43
CA PHE E 36 -2.12 -47.90 24.76
C PHE E 36 -0.78 -47.23 24.96
N ASN E 37 0.31 -47.85 24.50
CA ASN E 37 1.66 -47.40 24.81
C ASN E 37 2.30 -46.65 23.64
N ALA E 38 1.50 -46.13 22.72
CA ALA E 38 2.04 -45.37 21.60
C ALA E 38 2.65 -44.07 22.09
N THR E 39 3.80 -43.71 21.53
CA THR E 39 4.48 -42.48 21.94
C THR E 39 3.66 -41.25 21.57
N ARG E 40 3.02 -41.27 20.40
CA ARG E 40 2.30 -40.11 19.88
C ARG E 40 0.80 -40.36 19.94
N PHE E 41 0.09 -39.54 20.70
CA PHE E 41 -1.36 -39.46 20.66
C PHE E 41 -1.77 -38.13 20.04
N ALA E 42 -2.68 -38.19 19.07
CA ALA E 42 -3.13 -36.98 18.39
C ALA E 42 -4.02 -36.16 19.32
N SER E 43 -4.26 -34.92 18.90
CA SER E 43 -5.13 -34.03 19.64
C SER E 43 -6.56 -34.59 19.66
N VAL E 44 -7.37 -34.08 20.58
CA VAL E 44 -8.73 -34.59 20.70
C VAL E 44 -9.59 -34.18 19.51
N TYR E 45 -9.33 -33.00 18.92
CA TYR E 45 -10.14 -32.58 17.78
C TYR E 45 -9.88 -33.46 16.57
N ALA E 46 -8.71 -34.09 16.49
CA ALA E 46 -8.39 -35.01 15.42
C ALA E 46 -8.07 -36.39 15.98
N TRP E 47 -8.93 -36.86 16.88
CA TRP E 47 -8.64 -38.08 17.65
C TRP E 47 -8.38 -39.26 16.74
N ASN E 48 -7.39 -40.07 17.11
CA ASN E 48 -6.95 -41.17 16.26
C ASN E 48 -7.93 -42.33 16.35
N ARG E 49 -8.20 -42.95 15.19
CA ARG E 49 -9.13 -44.06 15.07
C ARG E 49 -8.38 -45.29 14.58
N LYS E 50 -8.62 -46.42 15.24
CA LYS E 50 -8.02 -47.69 14.87
C LYS E 50 -9.08 -48.78 14.86
N ARG E 51 -8.92 -49.75 13.97
CA ARG E 51 -9.86 -50.85 13.81
C ARG E 51 -9.22 -52.14 14.30
N ILE E 52 -10.03 -52.97 14.97
CA ILE E 52 -9.54 -54.25 15.48
C ILE E 52 -10.34 -55.39 14.90
N ASP E 58 -6.69 -59.64 24.98
CA ASP E 58 -6.99 -59.88 26.38
C ASP E 58 -7.37 -58.59 27.09
N TYR E 59 -8.52 -58.58 27.76
CA TYR E 59 -9.00 -57.40 28.44
C TYR E 59 -8.82 -57.44 29.95
N SER E 60 -8.80 -58.65 30.54
CA SER E 60 -8.63 -58.76 31.99
C SER E 60 -7.27 -58.23 32.43
N VAL E 61 -6.27 -58.29 31.55
CA VAL E 61 -4.97 -57.71 31.87
C VAL E 61 -5.08 -56.19 31.99
N LEU E 62 -5.98 -55.57 31.24
CA LEU E 62 -6.20 -54.14 31.35
C LEU E 62 -7.00 -53.78 32.59
N TYR E 63 -7.92 -54.65 33.02
CA TYR E 63 -8.74 -54.36 34.19
C TYR E 63 -7.89 -54.29 35.46
N ASN E 64 -6.95 -55.22 35.62
CA ASN E 64 -6.13 -55.31 36.82
C ASN E 64 -4.66 -54.96 36.54
N SER E 65 -4.42 -54.02 35.63
CA SER E 65 -3.06 -53.62 35.31
C SER E 65 -2.41 -52.77 36.39
N ALA E 66 -3.19 -52.26 37.35
CA ALA E 66 -2.71 -51.40 38.43
C ALA E 66 -2.03 -50.13 37.92
N SER E 67 -2.26 -49.79 36.65
CA SER E 67 -1.70 -48.59 36.04
C SER E 67 -2.75 -47.68 35.46
N PHE E 68 -4.03 -48.04 35.56
CA PHE E 68 -5.12 -47.35 34.89
C PHE E 68 -5.90 -46.55 35.91
N SER E 69 -5.94 -45.22 35.73
CA SER E 69 -6.62 -44.36 36.69
C SER E 69 -8.13 -44.50 36.61
N THR E 70 -8.67 -44.49 35.38
CA THR E 70 -10.10 -44.60 35.18
C THR E 70 -10.37 -45.67 34.12
N PHE E 71 -11.20 -46.65 34.46
CA PHE E 71 -11.56 -47.73 33.56
C PHE E 71 -13.04 -48.04 33.79
N LYS E 72 -13.90 -47.38 33.04
CA LYS E 72 -15.34 -47.49 33.26
C LYS E 72 -16.01 -48.04 32.00
N CYS E 73 -16.81 -49.10 32.18
CA CYS E 73 -17.40 -49.80 31.05
C CYS E 73 -18.91 -49.81 31.12
N TYR E 74 -19.54 -49.44 30.00
CA TYR E 74 -20.99 -49.30 29.89
C TYR E 74 -21.51 -50.34 28.90
N GLY E 75 -22.52 -51.08 29.32
CA GLY E 75 -23.16 -52.08 28.50
C GLY E 75 -22.56 -53.47 28.59
N VAL E 76 -21.33 -53.58 29.11
CA VAL E 76 -20.65 -54.86 29.25
C VAL E 76 -19.99 -54.92 30.62
N SER E 77 -19.71 -56.13 31.06
CA SER E 77 -18.97 -56.35 32.30
C SER E 77 -17.48 -56.43 32.00
N PRO E 78 -16.66 -55.61 32.65
CA PRO E 78 -15.21 -55.70 32.43
C PRO E 78 -14.64 -57.09 32.59
N THR E 79 -15.12 -57.85 33.58
CA THR E 79 -14.60 -59.20 33.83
C THR E 79 -15.20 -60.25 32.90
N LYS E 80 -16.30 -59.95 32.22
CA LYS E 80 -16.97 -60.91 31.37
C LYS E 80 -16.70 -60.68 29.88
N LEU E 81 -15.73 -59.81 29.55
CA LEU E 81 -15.41 -59.57 28.15
C LEU E 81 -14.86 -60.82 27.48
N ASN E 82 -14.01 -61.55 28.19
CA ASN E 82 -13.39 -62.76 27.64
C ASN E 82 -14.43 -63.86 27.46
N PHE E 86 -19.07 -58.40 18.99
CA PHE E 86 -17.63 -58.20 18.95
C PHE E 86 -17.11 -58.22 17.52
N THR E 87 -18.03 -58.26 16.56
CA THR E 87 -17.64 -58.29 15.15
C THR E 87 -16.95 -57.01 14.73
N ASN E 88 -17.27 -55.89 15.38
CA ASN E 88 -16.65 -54.60 15.09
C ASN E 88 -16.08 -54.02 16.37
N VAL E 89 -14.79 -53.69 16.36
CA VAL E 89 -14.11 -53.10 17.51
C VAL E 89 -13.31 -51.90 17.02
N TYR E 90 -13.49 -50.77 17.67
CA TYR E 90 -12.81 -49.54 17.29
C TYR E 90 -12.17 -48.91 18.52
N ALA E 91 -10.94 -48.44 18.36
CA ALA E 91 -10.18 -47.79 19.43
C ALA E 91 -9.98 -46.32 19.06
N ASP E 92 -10.43 -45.44 19.95
CA ASP E 92 -10.26 -44.00 19.78
C ASP E 92 -9.22 -43.53 20.78
N SER E 93 -8.24 -42.75 20.31
CA SER E 93 -7.17 -42.28 21.18
C SER E 93 -7.11 -40.76 21.12
N PHE E 94 -7.04 -40.13 22.29
CA PHE E 94 -6.82 -38.69 22.35
C PHE E 94 -6.27 -38.31 23.72
N VAL E 95 -5.93 -37.03 23.87
CA VAL E 95 -5.39 -36.48 25.11
C VAL E 95 -6.20 -35.25 25.48
N ILE E 96 -6.70 -35.23 26.71
CA ILE E 96 -7.50 -34.12 27.21
C ILE E 96 -6.93 -33.66 28.54
N ARG E 97 -7.60 -32.70 29.19
CA ARG E 97 -7.19 -32.26 30.51
C ARG E 97 -7.99 -32.99 31.58
N GLY E 98 -7.50 -32.89 32.82
CA GLY E 98 -7.97 -33.79 33.86
C GLY E 98 -9.46 -33.66 34.17
N ASP E 99 -9.93 -32.43 34.32
CA ASP E 99 -11.31 -32.21 34.74
C ASP E 99 -12.31 -32.39 33.60
N GLU E 100 -11.87 -32.88 32.44
CA GLU E 100 -12.75 -33.12 31.31
C GLU E 100 -12.87 -34.60 30.95
N VAL E 101 -12.26 -35.49 31.72
CA VAL E 101 -12.40 -36.92 31.45
C VAL E 101 -13.83 -37.38 31.68
N ARG E 102 -14.53 -36.77 32.63
CA ARG E 102 -15.93 -37.11 32.88
C ARG E 102 -16.83 -36.73 31.72
N GLN E 103 -16.34 -35.91 30.79
CA GLN E 103 -17.12 -35.58 29.59
C GLN E 103 -17.15 -36.73 28.59
N ILE E 104 -16.21 -37.67 28.69
CA ILE E 104 -16.20 -38.83 27.79
C ILE E 104 -17.11 -39.87 28.44
N ALA E 105 -18.41 -39.73 28.20
CA ALA E 105 -19.43 -40.61 28.74
C ALA E 105 -20.74 -40.31 28.04
N PRO E 106 -21.63 -41.29 27.90
CA PRO E 106 -22.91 -41.02 27.24
C PRO E 106 -23.73 -39.98 27.98
N GLY E 107 -24.38 -39.11 27.22
CA GLY E 107 -25.30 -38.13 27.78
C GLY E 107 -24.66 -36.93 28.44
N GLN E 108 -23.35 -36.76 28.35
CA GLN E 108 -22.68 -35.64 28.99
C GLN E 108 -22.65 -34.42 28.07
N THR E 109 -22.52 -33.25 28.68
CA THR E 109 -22.47 -31.99 27.96
C THR E 109 -21.23 -31.21 28.38
N GLY E 110 -20.57 -30.63 27.40
CA GLY E 110 -19.33 -29.91 27.63
C GLY E 110 -18.55 -29.81 26.35
N LYS E 111 -17.49 -28.99 26.39
CA LYS E 111 -16.77 -28.66 25.16
C LYS E 111 -16.19 -29.90 24.49
N ILE E 112 -15.57 -30.79 25.26
CA ILE E 112 -15.06 -32.03 24.70
C ILE E 112 -16.20 -32.89 24.18
N ALA E 113 -17.27 -33.00 24.96
CA ALA E 113 -18.39 -33.84 24.55
C ALA E 113 -19.18 -33.21 23.40
N ASP E 114 -19.23 -31.88 23.33
CA ASP E 114 -20.02 -31.23 22.29
C ASP E 114 -19.24 -31.11 20.99
N TYR E 115 -18.14 -30.36 21.01
CA TYR E 115 -17.46 -29.96 19.77
C TYR E 115 -16.25 -30.82 19.44
N ASN E 116 -15.91 -31.80 20.27
CA ASN E 116 -14.72 -32.61 20.04
C ASN E 116 -15.03 -34.08 19.79
N TYR E 117 -15.74 -34.73 20.71
CA TYR E 117 -15.87 -36.18 20.69
C TYR E 117 -17.07 -36.56 21.53
N LYS E 118 -18.12 -37.06 20.90
CA LYS E 118 -19.36 -37.43 21.58
C LYS E 118 -19.61 -38.92 21.43
N LEU E 119 -20.03 -39.54 22.52
CA LEU E 119 -20.39 -40.94 22.52
C LEU E 119 -21.91 -41.10 22.44
N PRO E 120 -22.39 -42.21 21.87
CA PRO E 120 -23.84 -42.40 21.79
C PRO E 120 -24.44 -42.70 23.16
N ASP E 121 -25.71 -42.34 23.31
CA ASP E 121 -26.39 -42.59 24.59
C ASP E 121 -26.61 -44.08 24.82
N ASP E 122 -26.65 -44.88 23.75
CA ASP E 122 -26.75 -46.33 23.83
C ASP E 122 -25.40 -46.99 23.61
N PHE E 123 -24.33 -46.36 24.09
CA PHE E 123 -22.98 -46.83 23.83
C PHE E 123 -22.75 -48.19 24.48
N THR E 124 -22.18 -49.12 23.71
CA THR E 124 -21.83 -50.45 24.17
C THR E 124 -20.32 -50.61 24.04
N GLY E 125 -19.61 -50.51 25.15
CA GLY E 125 -18.16 -50.48 25.12
C GLY E 125 -17.65 -49.81 26.39
N CYS E 126 -16.49 -49.16 26.27
CA CYS E 126 -16.01 -48.39 27.41
C CYS E 126 -14.80 -47.48 27.26
N VAL E 127 -14.45 -46.81 28.36
CA VAL E 127 -13.50 -45.70 28.36
C VAL E 127 -12.40 -45.98 29.36
N ILE E 128 -11.16 -45.68 28.95
CA ILE E 128 -9.97 -45.79 29.77
C ILE E 128 -9.24 -44.46 29.74
N ALA E 129 -8.73 -44.04 30.89
CA ALA E 129 -8.00 -42.79 31.00
C ALA E 129 -6.91 -42.93 32.05
N TRP E 130 -5.75 -42.34 31.77
CA TRP E 130 -4.66 -42.38 32.74
C TRP E 130 -3.85 -41.09 32.68
N ASN E 131 -3.18 -40.79 33.79
CA ASN E 131 -2.31 -39.62 33.88
C ASN E 131 -1.14 -39.75 32.93
N SER E 132 -0.71 -38.62 32.37
CA SER E 132 0.41 -38.62 31.45
C SER E 132 1.32 -37.43 31.70
N ASN E 133 1.61 -37.15 32.97
CA ASN E 133 2.54 -36.08 33.30
C ASN E 133 3.95 -36.41 32.82
N ASN E 134 4.38 -37.66 32.98
CA ASN E 134 5.75 -38.02 32.64
C ASN E 134 6.02 -37.89 31.15
N LEU E 135 5.03 -38.21 30.31
CA LEU E 135 5.24 -38.22 28.87
C LEU E 135 4.79 -36.93 28.20
N ASP E 136 3.54 -36.51 28.45
CA ASP E 136 2.94 -35.41 27.71
C ASP E 136 3.33 -34.04 28.22
N SER E 137 3.90 -33.93 29.42
CA SER E 137 4.23 -32.63 30.00
C SER E 137 5.72 -32.36 29.84
N LYS E 138 6.04 -31.21 29.25
CA LYS E 138 7.41 -30.81 29.00
C LYS E 138 7.71 -29.54 29.78
N VAL E 139 8.93 -29.44 30.32
CA VAL E 139 9.33 -28.25 31.06
C VAL E 139 9.20 -27.03 30.17
N GLY E 140 8.62 -25.96 30.73
CA GLY E 140 8.28 -24.79 29.97
C GLY E 140 6.94 -24.85 29.28
N GLY E 141 6.21 -25.93 29.42
CA GLY E 141 4.89 -26.08 28.85
C GLY E 141 4.89 -26.94 27.60
N ASN E 142 3.77 -27.63 27.37
CA ASN E 142 3.57 -28.45 26.18
C ASN E 142 2.26 -28.01 25.53
N TYR E 143 2.37 -27.26 24.43
CA TYR E 143 1.20 -26.69 23.77
C TYR E 143 0.90 -27.39 22.44
N ASN E 144 1.38 -28.62 22.26
CA ASN E 144 1.11 -29.33 21.01
C ASN E 144 -0.35 -29.71 20.90
N TYR E 145 -0.92 -30.26 21.97
CA TYR E 145 -2.28 -30.79 21.91
C TYR E 145 -3.30 -29.68 21.76
N LEU E 146 -4.39 -30.00 21.08
CA LEU E 146 -5.41 -29.02 20.71
C LEU E 146 -6.79 -29.57 21.00
N TYR E 147 -7.74 -28.66 21.16
CA TYR E 147 -9.16 -29.00 21.26
C TYR E 147 -9.96 -27.91 20.56
N ARG E 148 -11.09 -28.33 19.99
CA ARG E 148 -11.97 -27.40 19.30
C ARG E 148 -12.81 -26.62 20.33
N LEU E 149 -12.86 -25.31 20.16
CA LEU E 149 -13.51 -24.42 21.11
C LEU E 149 -14.85 -23.89 20.63
N PHE E 150 -15.05 -23.75 19.32
CA PHE E 150 -16.29 -23.23 18.76
C PHE E 150 -16.77 -24.15 17.65
N ARG E 151 -18.10 -24.23 17.52
CA ARG E 151 -18.70 -24.87 16.35
C ARG E 151 -20.12 -24.36 16.21
N LYS E 152 -20.62 -24.37 14.97
CA LYS E 152 -21.96 -23.88 14.70
C LYS E 152 -23.02 -24.73 15.40
N SER E 153 -22.84 -26.06 15.38
CA SER E 153 -23.79 -26.97 15.99
C SER E 153 -23.04 -28.12 16.62
N ASN E 154 -23.72 -28.81 17.54
CA ASN E 154 -23.12 -29.96 18.20
C ASN E 154 -22.86 -31.08 17.18
N LEU E 155 -22.25 -32.15 17.68
CA LEU E 155 -21.75 -33.22 16.82
C LEU E 155 -22.52 -34.51 17.10
N LYS E 156 -22.81 -35.25 16.04
CA LYS E 156 -23.39 -36.57 16.20
C LYS E 156 -22.38 -37.52 16.81
N PRO E 157 -22.84 -38.55 17.52
CA PRO E 157 -21.90 -39.49 18.14
C PRO E 157 -21.02 -40.19 17.12
N PHE E 158 -19.79 -40.49 17.52
CA PHE E 158 -18.83 -41.27 16.72
C PHE E 158 -18.53 -40.59 15.39
N GLU E 159 -17.91 -39.42 15.47
CA GLU E 159 -17.42 -38.76 14.28
C GLU E 159 -16.29 -37.82 14.67
N ARG E 160 -15.47 -37.45 13.69
CA ARG E 160 -14.31 -36.61 13.90
C ARG E 160 -14.36 -35.43 12.93
N ASP E 161 -14.12 -34.23 13.45
CA ASP E 161 -14.11 -33.02 12.64
C ASP E 161 -12.69 -32.47 12.60
N ILE E 162 -12.14 -32.37 11.39
CA ILE E 162 -10.77 -31.88 11.20
C ILE E 162 -10.74 -30.50 10.57
N SER E 163 -11.88 -29.99 10.10
CA SER E 163 -11.90 -28.68 9.46
C SER E 163 -11.37 -27.61 10.40
N THR E 164 -10.57 -26.70 9.86
CA THR E 164 -9.98 -25.62 10.63
C THR E 164 -10.33 -24.29 9.99
N GLU E 165 -11.60 -24.13 9.63
CA GLU E 165 -12.08 -22.88 9.07
C GLU E 165 -12.47 -21.91 10.17
N ILE E 166 -12.42 -20.62 9.85
CA ILE E 166 -12.70 -19.59 10.84
C ILE E 166 -14.16 -19.69 11.27
N TYR E 167 -14.39 -19.66 12.58
CA TYR E 167 -15.74 -19.72 13.11
C TYR E 167 -16.37 -18.34 13.10
N GLN E 168 -17.67 -18.30 12.83
CA GLN E 168 -18.43 -17.04 12.75
C GLN E 168 -19.29 -16.92 14.00
N ALA E 169 -18.89 -16.04 14.91
CA ALA E 169 -19.70 -15.80 16.11
C ALA E 169 -20.94 -14.99 15.78
N GLY E 170 -20.81 -13.98 14.94
CA GLY E 170 -21.90 -13.10 14.57
C GLY E 170 -22.53 -13.50 13.25
N SER E 171 -22.87 -12.49 12.43
CA SER E 171 -23.43 -12.72 11.12
C SER E 171 -22.51 -12.31 9.98
N THR E 172 -21.58 -11.39 10.22
CA THR E 172 -20.69 -10.95 9.16
C THR E 172 -19.76 -12.08 8.74
N PRO E 173 -19.46 -12.20 7.45
CA PRO E 173 -18.53 -13.24 7.00
C PRO E 173 -17.12 -12.96 7.45
N CYS E 174 -16.36 -14.05 7.64
CA CYS E 174 -14.95 -13.93 8.01
C CYS E 174 -14.02 -14.02 6.81
N ASN E 175 -14.41 -14.74 5.77
CA ASN E 175 -13.60 -14.94 4.57
C ASN E 175 -12.26 -15.59 4.90
N GLY E 176 -12.27 -16.50 5.86
CA GLY E 176 -11.04 -17.11 6.32
C GLY E 176 -10.07 -16.12 6.95
N VAL E 177 -10.60 -15.11 7.63
CA VAL E 177 -9.80 -14.04 8.22
C VAL E 177 -10.37 -13.72 9.58
N GLU E 178 -9.50 -13.61 10.59
CA GLU E 178 -9.97 -13.31 11.94
C GLU E 178 -10.42 -11.85 12.04
N GLY E 179 -10.99 -11.53 13.20
CA GLY E 179 -11.48 -10.19 13.44
C GLY E 179 -12.54 -10.23 14.53
N PHE E 180 -13.31 -9.14 14.61
CA PHE E 180 -14.42 -9.10 15.54
C PHE E 180 -15.43 -10.19 15.19
N ASN E 181 -15.78 -11.01 16.18
CA ASN E 181 -16.68 -12.14 16.00
C ASN E 181 -16.17 -13.12 14.95
N CYS E 182 -14.85 -13.18 14.76
CA CYS E 182 -14.21 -14.18 13.90
C CYS E 182 -13.08 -14.80 14.71
N TYR E 183 -13.22 -16.08 15.05
CA TYR E 183 -12.33 -16.72 16.00
C TYR E 183 -11.74 -17.99 15.43
N PHE E 184 -10.50 -18.26 15.80
CA PHE E 184 -9.88 -19.55 15.50
C PHE E 184 -10.54 -20.62 16.35
N PRO E 185 -11.03 -21.71 15.76
CA PRO E 185 -11.83 -22.67 16.53
C PRO E 185 -11.02 -23.64 17.38
N LEU E 186 -9.69 -23.60 17.35
CA LEU E 186 -8.87 -24.52 18.12
C LEU E 186 -8.14 -23.78 19.24
N GLN E 187 -7.79 -24.53 20.28
CA GLN E 187 -7.14 -23.96 21.46
C GLN E 187 -6.19 -24.99 22.05
N SER E 188 -5.07 -24.53 22.58
CA SER E 188 -4.05 -25.43 23.12
C SER E 188 -4.20 -25.62 24.63
N TYR E 189 -3.76 -26.79 25.09
CA TYR E 189 -3.65 -27.07 26.51
C TYR E 189 -2.28 -26.62 27.01
N GLY E 190 -2.26 -25.84 28.09
CA GLY E 190 -1.00 -25.42 28.67
C GLY E 190 -0.47 -26.40 29.69
N PHE E 191 -0.07 -27.59 29.22
CA PHE E 191 0.30 -28.68 30.12
C PHE E 191 1.67 -28.40 30.73
N GLN E 192 1.68 -27.48 31.69
CA GLN E 192 2.90 -27.21 32.44
C GLN E 192 3.13 -28.32 33.47
N PRO E 193 4.39 -28.60 33.81
CA PRO E 193 4.66 -29.67 34.78
C PRO E 193 4.16 -29.36 36.18
N THR E 194 3.87 -28.10 36.49
CA THR E 194 3.47 -27.70 37.84
C THR E 194 1.96 -27.66 38.02
N ASN E 195 1.18 -28.02 37.00
CA ASN E 195 -0.26 -27.95 37.10
C ASN E 195 -0.80 -28.99 38.07
N GLY E 196 -1.95 -28.69 38.66
CA GLY E 196 -2.60 -29.61 39.57
C GLY E 196 -3.28 -30.75 38.82
N VAL E 197 -3.85 -31.67 39.60
CA VAL E 197 -4.47 -32.86 39.04
C VAL E 197 -5.62 -32.51 38.10
N GLY E 198 -6.35 -31.44 38.41
CA GLY E 198 -7.50 -31.09 37.61
C GLY E 198 -7.15 -30.72 36.18
N TYR E 199 -5.98 -30.12 35.97
CA TYR E 199 -5.60 -29.60 34.66
C TYR E 199 -4.44 -30.40 34.05
N GLN E 200 -4.18 -31.59 34.58
CA GLN E 200 -3.10 -32.46 34.11
C GLN E 200 -3.49 -33.15 32.81
N PRO E 201 -2.50 -33.56 32.00
CA PRO E 201 -2.81 -34.23 30.73
C PRO E 201 -3.21 -35.68 30.96
N TYR E 202 -4.42 -36.02 30.57
CA TYR E 202 -4.94 -37.39 30.62
C TYR E 202 -4.95 -37.97 29.22
N ARG E 203 -4.48 -39.21 29.11
CA ARG E 203 -4.60 -39.96 27.85
C ARG E 203 -5.82 -40.85 27.96
N VAL E 204 -6.71 -40.75 26.95
CA VAL E 204 -7.99 -41.44 26.96
C VAL E 204 -8.11 -42.29 25.71
N VAL E 205 -8.47 -43.55 25.90
CA VAL E 205 -8.75 -44.48 24.81
C VAL E 205 -10.14 -45.07 25.02
N VAL E 206 -10.94 -45.05 23.98
CA VAL E 206 -12.32 -45.55 24.00
C VAL E 206 -12.37 -46.80 23.14
N LEU E 207 -12.77 -47.92 23.74
CA LEU E 207 -12.94 -49.18 23.04
C LEU E 207 -14.42 -49.40 22.80
N SER E 208 -14.85 -49.29 21.55
CA SER E 208 -16.25 -49.41 21.17
C SER E 208 -16.47 -50.74 20.45
N PHE E 209 -17.49 -51.46 20.87
CA PHE E 209 -17.82 -52.75 20.27
C PHE E 209 -19.14 -52.69 19.53
C1 GLC F . 31.73 -19.23 -22.68
C2 GLC F . 30.87 -18.32 -23.54
C3 GLC F . 30.02 -17.42 -22.67
C4 GLC F . 29.29 -18.19 -21.57
C5 GLC F . 30.24 -19.17 -20.88
C6 GLC F . 29.49 -20.11 -19.93
O1 GLC F . 32.61 -18.43 -21.90
O2 GLC F . 31.69 -17.53 -24.37
O3 GLC F . 29.07 -16.76 -23.49
O4 GLC F . 28.77 -17.28 -20.63
O5 GLC F . 30.90 -19.98 -21.83
O6 GLC F . 28.99 -19.37 -18.85
C1 GLC F . 27.39 -17.01 -20.70
C2 GLC F . 27.14 -15.52 -20.97
C3 GLC F . 27.63 -14.68 -19.81
C4 GLC F . 27.07 -15.20 -18.49
C5 GLC F . 27.35 -16.69 -18.37
C6 GLC F . 26.79 -17.27 -17.08
O2 GLC F . 27.83 -15.13 -22.14
O3 GLC F . 27.22 -13.34 -20.00
O4 GLC F . 27.65 -14.51 -17.41
O5 GLC F . 26.78 -17.37 -19.48
O6 GLC F . 27.61 -16.88 -16.01
#